data_6LR1
#
_entry.id   6LR1
#
_cell.length_a   112.095
_cell.length_b   139.310
_cell.length_c   168.995
_cell.angle_alpha   90.000
_cell.angle_beta   90.000
_cell.angle_gamma   90.000
#
_symmetry.space_group_name_H-M   'C 2 2 21'
#
loop_
_entity.id
_entity.type
_entity.pdbx_description
1 polymer 'Hexachlorobenzene oxidative dehalogenase'
2 water water
#
_entity_poly.entity_id   1
_entity_poly.type   'polypeptide(L)'
_entity_poly.pdbx_seq_one_letter_code
;MRDTLVLNAFHMNTVCHMYDGGWRNPADRQVEFATLEFWKEVAQTLERGFFDSLFFADVMGTDAAYGDSWDIYAEQGIHF
PMHDAASLVAALIPHTEHLGLTFSSSVIQDHPFSFAKRASTLDHLSGGRVGWNIVTGGTINASQNFGYDSLVPHDERYAI
GEEYMEVVYKLWEGSWDEGALVADKTKGIYADPSKIHKINHRGERYRVAGPHLTLPSPQRTPFLFQAGASTAGRAFASRH
AEATLVLCLTPDSMRVAYKQMQELLAAAGRASDDLLMVQGMSFIVGSTEEEARRKAEEQDQYLDVDALAARVSRDLGVDL
SGADADQPLDTIQTEATQGIAKLMMEAVPDGRPKVKDLPLLYSIRIVGTPETIADELTEWRDAGMGGINMAAQMLPGTDA
DFVDYVVPELQRRGMVQHEYRPGTLREKVFPGRDRLLNERHPASRYRGIFS
;
_entity_poly.pdbx_strand_id   A,B
#
# COMPACT_ATOMS: atom_id res chain seq x y z
N MET A 1 -33.33 -2.52 -0.33
CA MET A 1 -34.00 -3.62 -1.07
C MET A 1 -33.03 -4.77 -1.43
N ARG A 2 -32.16 -5.15 -0.49
CA ARG A 2 -31.34 -6.37 -0.56
C ARG A 2 -32.06 -7.47 0.25
N ASP A 3 -32.40 -8.56 -0.40
CA ASP A 3 -33.11 -9.64 0.27
C ASP A 3 -32.19 -10.67 0.90
N THR A 4 -30.94 -10.75 0.42
CA THR A 4 -29.98 -11.75 0.87
C THR A 4 -29.07 -11.15 1.95
N LEU A 5 -28.49 -12.00 2.79
CA LEU A 5 -27.50 -11.56 3.78
C LEU A 5 -26.23 -11.15 3.09
N VAL A 6 -25.51 -10.22 3.69
CA VAL A 6 -24.19 -9.89 3.19
C VAL A 6 -23.14 -10.81 3.82
N LEU A 7 -22.25 -11.34 2.99
CA LEU A 7 -21.20 -12.23 3.46
C LEU A 7 -19.86 -11.55 3.38
N ASN A 8 -19.25 -11.38 4.54
CA ASN A 8 -17.93 -10.76 4.71
C ASN A 8 -17.05 -11.75 5.49
N ALA A 9 -15.93 -12.15 4.91
CA ALA A 9 -14.92 -12.96 5.59
C ALA A 9 -14.03 -12.09 6.46
N PHE A 10 -13.96 -12.43 7.73
CA PHE A 10 -13.25 -11.64 8.72
C PHE A 10 -11.90 -12.25 8.99
N HIS A 11 -10.88 -11.80 8.28
CA HIS A 11 -9.51 -12.31 8.46
C HIS A 11 -8.56 -11.18 8.86
N MET A 12 -7.27 -11.46 8.87
CA MET A 12 -6.24 -10.55 9.30
C MET A 12 -4.90 -11.10 8.77
N ASN A 13 -3.97 -10.24 8.34
CA ASN A 13 -2.70 -10.70 7.71
C ASN A 13 -1.68 -11.25 8.73
N THR A 14 -2.04 -12.38 9.34
CA THR A 14 -1.30 -12.90 10.47
C THR A 14 -1.42 -14.41 10.58
N VAL A 15 -0.57 -15.06 11.35
CA VAL A 15 -0.61 -16.52 11.59
C VAL A 15 -1.77 -16.98 12.47
N CYS A 16 -2.39 -16.13 13.31
CA CYS A 16 -3.43 -16.67 14.13
C CYS A 16 -4.47 -15.67 14.59
N HIS A 17 -5.33 -15.26 13.67
CA HIS A 17 -6.32 -14.22 13.91
C HIS A 17 -7.32 -14.57 15.01
N MET A 18 -8.02 -15.68 14.90
CA MET A 18 -9.20 -15.81 15.69
C MET A 18 -9.34 -16.86 16.78
N TYR A 19 -8.62 -17.96 16.75
CA TYR A 19 -8.88 -18.98 17.81
C TYR A 19 -7.62 -19.39 18.42
N ASP A 20 -7.17 -18.63 19.42
CA ASP A 20 -5.76 -18.58 19.84
C ASP A 20 -5.22 -19.98 20.01
N GLY A 21 -3.95 -20.19 19.63
CA GLY A 21 -3.36 -21.57 19.54
C GLY A 21 -3.69 -22.35 18.25
N GLY A 22 -4.66 -21.87 17.50
CA GLY A 22 -5.15 -22.47 16.27
C GLY A 22 -4.17 -22.79 15.21
N TRP A 23 -3.04 -22.11 15.21
CA TRP A 23 -2.00 -22.37 14.23
C TRP A 23 -1.42 -23.79 14.37
N ARG A 24 -1.33 -24.29 15.60
CA ARG A 24 -0.73 -25.56 15.85
C ARG A 24 -1.42 -26.72 15.24
N ASN A 25 -2.72 -26.62 14.98
CA ASN A 25 -3.44 -27.72 14.28
C ASN A 25 -2.65 -28.11 12.99
N PRO A 26 -2.19 -29.39 12.86
CA PRO A 26 -1.59 -29.98 11.65
C PRO A 26 -2.42 -29.81 10.38
N ALA A 27 -3.73 -29.72 10.58
CA ALA A 27 -4.68 -29.60 9.50
C ALA A 27 -4.73 -28.19 8.94
N ASP A 28 -4.32 -27.21 9.75
CA ASP A 28 -4.35 -25.79 9.43
C ASP A 28 -3.11 -25.39 8.66
N ARG A 29 -3.25 -24.32 7.87
CA ARG A 29 -2.15 -23.75 7.12
C ARG A 29 -1.98 -22.20 7.29
N GLN A 30 -2.50 -21.58 8.36
CA GLN A 30 -2.20 -20.16 8.65
C GLN A 30 -0.69 -19.79 8.75
N VAL A 31 0.17 -20.79 9.05
CA VAL A 31 1.63 -20.61 9.02
C VAL A 31 2.14 -20.09 7.65
N GLU A 32 1.33 -20.34 6.62
CA GLU A 32 1.57 -19.84 5.27
C GLU A 32 1.12 -18.37 4.96
N PHE A 33 0.66 -17.61 5.97
CA PHE A 33 0.10 -16.25 5.79
C PHE A 33 0.98 -15.19 5.10
N ALA A 34 2.28 -15.35 5.17
CA ALA A 34 3.18 -14.38 4.58
C ALA A 34 3.25 -14.54 3.09
N THR A 35 2.79 -15.69 2.53
CA THR A 35 2.76 -15.87 1.10
C THR A 35 1.54 -15.37 0.43
N LEU A 36 1.65 -14.99 -0.85
CA LEU A 36 0.44 -14.62 -1.63
C LEU A 36 -0.43 -15.78 -2.03
N GLU A 37 0.16 -16.96 -2.31
CA GLU A 37 -0.53 -18.16 -2.81
C GLU A 37 -1.64 -18.56 -1.77
N PHE A 38 -1.28 -18.63 -0.49
CA PHE A 38 -2.23 -18.98 0.58
C PHE A 38 -3.44 -18.04 0.54
N TRP A 39 -3.17 -16.73 0.59
CA TRP A 39 -4.28 -15.76 0.51
C TRP A 39 -5.09 -15.84 -0.81
N LYS A 40 -4.39 -16.17 -1.91
CA LYS A 40 -5.05 -16.37 -3.22
C LYS A 40 -5.99 -17.51 -3.08
N GLU A 41 -5.55 -18.60 -2.46
CA GLU A 41 -6.48 -19.73 -2.31
C GLU A 41 -7.77 -19.39 -1.57
N VAL A 42 -7.63 -18.73 -0.42
CA VAL A 42 -8.75 -18.21 0.43
C VAL A 42 -9.65 -17.20 -0.31
N ALA A 43 -9.08 -16.21 -0.98
CA ALA A 43 -9.91 -15.22 -1.69
C ALA A 43 -10.75 -15.89 -2.80
N GLN A 44 -10.12 -16.79 -3.56
CA GLN A 44 -10.80 -17.53 -4.64
C GLN A 44 -11.91 -18.47 -4.14
N THR A 45 -11.69 -19.12 -3.01
CA THR A 45 -12.74 -19.95 -2.44
C THR A 45 -13.94 -19.10 -2.01
N LEU A 46 -13.67 -17.99 -1.32
CA LEU A 46 -14.73 -17.06 -0.91
C LEU A 46 -15.49 -16.48 -2.14
N GLU A 47 -14.76 -16.18 -3.22
CA GLU A 47 -15.42 -15.77 -4.48
C GLU A 47 -16.24 -16.88 -5.10
N ARG A 48 -15.78 -18.11 -4.96
CA ARG A 48 -16.48 -19.25 -5.47
C ARG A 48 -17.79 -19.42 -4.71
N GLY A 49 -17.76 -19.10 -3.44
CA GLY A 49 -18.94 -19.08 -2.58
C GLY A 49 -19.80 -17.82 -2.51
N PHE A 50 -19.51 -16.88 -3.40
CA PHE A 50 -20.33 -15.70 -3.65
C PHE A 50 -20.32 -14.70 -2.51
N PHE A 51 -19.19 -14.59 -1.83
CA PHE A 51 -18.99 -13.63 -0.76
C PHE A 51 -18.97 -12.20 -1.31
N ASP A 52 -19.62 -11.29 -0.61
CA ASP A 52 -19.58 -9.88 -1.00
C ASP A 52 -18.19 -9.26 -0.75
N SER A 53 -17.50 -9.66 0.32
CA SER A 53 -16.21 -9.03 0.60
C SER A 53 -15.30 -9.94 1.45
N LEU A 54 -13.98 -9.83 1.23
CA LEU A 54 -13.02 -10.34 2.17
C LEU A 54 -12.36 -9.15 2.90
N PHE A 55 -12.26 -9.23 4.22
CA PHE A 55 -11.77 -8.15 5.08
C PHE A 55 -10.51 -8.51 5.81
N PHE A 56 -9.61 -7.55 5.84
CA PHE A 56 -8.37 -7.68 6.54
C PHE A 56 -8.21 -6.66 7.66
N ALA A 57 -8.28 -7.19 8.86
CA ALA A 57 -8.02 -6.44 10.05
C ALA A 57 -6.54 -6.21 10.13
N ASP A 58 -6.14 -5.20 10.89
CA ASP A 58 -4.74 -4.88 11.05
C ASP A 58 -4.49 -4.12 12.36
N VAL A 59 -3.26 -4.20 12.86
CA VAL A 59 -2.85 -3.47 14.06
C VAL A 59 -1.48 -2.87 13.87
N MET A 60 -1.12 -1.90 14.69
CA MET A 60 0.18 -1.25 14.52
C MET A 60 1.14 -1.46 15.66
N GLY A 61 0.85 -2.45 16.53
CA GLY A 61 1.70 -2.73 17.69
C GLY A 61 1.44 -4.06 18.35
N THR A 62 2.29 -4.43 19.31
CA THR A 62 2.06 -5.61 20.17
C THR A 62 2.41 -5.36 21.65
N ASP A 63 1.55 -5.88 22.54
CA ASP A 63 1.59 -5.50 23.95
C ASP A 63 1.44 -6.67 24.86
N ALA A 64 2.25 -6.67 25.93
CA ALA A 64 2.10 -7.57 27.08
C ALA A 64 0.87 -7.24 27.92
N ALA A 65 0.29 -8.24 28.58
CA ALA A 65 -0.68 -7.96 29.65
C ALA A 65 0.06 -7.30 30.82
N TYR A 66 -0.68 -6.59 31.68
CA TYR A 66 -0.08 -5.82 32.78
C TYR A 66 0.72 -6.74 33.74
N GLY A 67 2.02 -6.48 33.89
CA GLY A 67 2.90 -7.30 34.76
C GLY A 67 3.24 -8.70 34.25
N ASP A 68 2.94 -8.95 32.97
CA ASP A 68 3.20 -10.22 32.31
C ASP A 68 4.39 -10.09 31.31
N SER A 69 5.08 -11.22 31.12
CA SER A 69 6.13 -11.36 30.11
C SER A 69 5.48 -11.37 28.71
N TRP A 70 6.13 -10.69 27.76
CA TRP A 70 5.67 -10.60 26.35
C TRP A 70 5.83 -11.93 25.57
N ASP A 71 6.69 -12.82 26.09
CA ASP A 71 7.01 -14.13 25.57
C ASP A 71 5.90 -14.84 24.77
N ILE A 72 4.80 -15.12 25.45
CA ILE A 72 3.71 -15.94 24.90
C ILE A 72 3.07 -15.35 23.60
N TYR A 73 3.25 -14.02 23.39
CA TYR A 73 2.76 -13.38 22.17
C TYR A 73 3.58 -13.80 20.94
N ALA A 74 4.89 -13.87 21.09
CA ALA A 74 5.75 -14.45 20.09
C ALA A 74 5.60 -15.98 19.93
N GLU A 75 5.66 -16.73 21.05
CA GLU A 75 5.49 -18.20 21.01
C GLU A 75 4.17 -18.72 20.46
N GLN A 76 3.09 -18.02 20.72
CA GLN A 76 1.81 -18.45 20.20
C GLN A 76 1.31 -17.59 19.05
N GLY A 77 2.11 -16.66 18.56
CA GLY A 77 1.70 -15.88 17.38
C GLY A 77 0.40 -15.12 17.63
N ILE A 78 0.32 -14.45 18.78
CA ILE A 78 -0.92 -13.83 19.19
C ILE A 78 -0.95 -12.44 18.56
N HIS A 79 -1.64 -12.37 17.42
CA HIS A 79 -1.65 -11.22 16.59
C HIS A 79 -0.26 -10.59 16.38
N PHE A 80 0.76 -11.43 16.24
CA PHE A 80 2.11 -11.05 15.94
C PHE A 80 2.86 -12.30 15.41
N PRO A 81 3.61 -12.24 14.32
CA PRO A 81 3.86 -11.05 13.48
C PRO A 81 2.62 -10.57 12.81
N MET A 82 2.69 -9.34 12.30
CA MET A 82 1.58 -8.65 11.63
C MET A 82 2.06 -7.94 10.37
N HIS A 83 1.54 -8.39 9.26
CA HIS A 83 1.85 -7.79 7.99
C HIS A 83 0.71 -6.82 7.53
N ASP A 84 1.12 -5.78 6.85
CA ASP A 84 0.25 -4.85 6.19
C ASP A 84 -0.99 -5.39 5.44
N ALA A 85 -2.16 -4.91 5.86
CA ALA A 85 -3.39 -5.28 5.17
C ALA A 85 -3.52 -4.65 3.71
N ALA A 86 -3.14 -3.40 3.51
CA ALA A 86 -3.40 -2.75 2.22
C ALA A 86 -2.61 -3.38 1.07
N SER A 87 -1.38 -3.75 1.33
CA SER A 87 -0.57 -4.41 0.34
C SER A 87 -1.19 -5.73 -0.13
N LEU A 88 -1.63 -6.55 0.81
CA LEU A 88 -2.31 -7.82 0.48
C LEU A 88 -3.59 -7.56 -0.33
N VAL A 89 -4.38 -6.60 0.07
CA VAL A 89 -5.56 -6.25 -0.70
C VAL A 89 -5.26 -5.96 -2.17
N ALA A 90 -4.21 -5.18 -2.38
CA ALA A 90 -3.82 -4.79 -3.72
C ALA A 90 -3.34 -5.99 -4.49
N ALA A 91 -2.52 -6.83 -3.85
CA ALA A 91 -1.93 -7.96 -4.58
C ALA A 91 -3.00 -8.96 -4.84
N LEU A 92 -4.19 -8.81 -4.25
CA LEU A 92 -5.31 -9.72 -4.48
C LEU A 92 -6.27 -9.24 -5.61
N ILE A 93 -6.24 -7.93 -5.93
CA ILE A 93 -6.99 -7.35 -7.06
C ILE A 93 -7.07 -8.31 -8.27
N PRO A 94 -5.91 -8.80 -8.79
CA PRO A 94 -5.93 -9.57 -10.04
C PRO A 94 -6.28 -11.03 -9.87
N HIS A 95 -6.20 -11.57 -8.64
CA HIS A 95 -6.67 -12.94 -8.36
C HIS A 95 -8.16 -13.04 -8.10
N THR A 96 -8.90 -11.94 -8.16
CA THR A 96 -10.33 -11.92 -7.94
C THR A 96 -11.03 -11.01 -8.95
N GLU A 97 -12.32 -11.15 -9.09
CA GLU A 97 -13.06 -10.35 -10.06
C GLU A 97 -14.16 -9.50 -9.38
N HIS A 98 -15.04 -10.17 -8.66
CA HIS A 98 -16.23 -9.54 -8.10
C HIS A 98 -16.14 -9.32 -6.57
N LEU A 99 -15.19 -9.98 -5.92
CA LEU A 99 -15.12 -10.03 -4.46
C LEU A 99 -14.69 -8.68 -3.97
N GLY A 100 -15.44 -8.15 -3.03
CA GLY A 100 -15.00 -6.96 -2.29
C GLY A 100 -13.69 -7.13 -1.49
N LEU A 101 -12.80 -6.14 -1.52
CA LEU A 101 -11.53 -6.28 -0.79
C LEU A 101 -11.38 -5.11 0.19
N THR A 102 -11.49 -5.43 1.48
CA THR A 102 -11.62 -4.44 2.56
C THR A 102 -10.42 -4.52 3.51
N PHE A 103 -9.97 -3.37 3.96
CA PHE A 103 -8.92 -3.36 4.98
C PHE A 103 -9.13 -2.32 6.10
N SER A 104 -8.63 -2.65 7.29
CA SER A 104 -8.42 -1.67 8.34
C SER A 104 -7.15 -0.83 8.16
N SER A 105 -7.29 0.45 8.49
CA SER A 105 -6.22 1.39 8.58
C SER A 105 -6.62 2.28 9.71
N SER A 106 -5.63 2.63 10.54
CA SER A 106 -5.79 3.51 11.69
C SER A 106 -5.42 4.98 11.38
N VAL A 107 -6.08 5.87 12.10
CA VAL A 107 -5.75 7.30 12.17
C VAL A 107 -4.25 7.57 12.43
N ILE A 108 -3.69 6.86 13.37
CA ILE A 108 -2.31 7.02 13.76
C ILE A 108 -1.27 6.65 12.69
N GLN A 109 -1.56 5.69 11.82
CA GLN A 109 -0.53 5.09 10.91
C GLN A 109 -0.36 5.74 9.55
N ASP A 110 -1.33 6.52 9.14
CA ASP A 110 -1.23 7.15 7.87
C ASP A 110 -1.95 8.48 7.95
N HIS A 111 -1.22 9.56 7.71
CA HIS A 111 -1.82 10.87 7.50
C HIS A 111 -2.98 10.82 6.45
N PRO A 112 -4.12 11.54 6.69
CA PRO A 112 -5.30 11.30 5.84
C PRO A 112 -5.16 11.69 4.36
N PHE A 113 -4.18 12.54 4.05
CA PHE A 113 -3.87 12.88 2.65
C PHE A 113 -3.20 11.74 1.99
N SER A 114 -2.21 11.13 2.67
CA SER A 114 -1.58 9.90 2.16
C SER A 114 -2.60 8.82 1.96
N PHE A 115 -3.38 8.58 2.98
CA PHE A 115 -4.33 7.50 2.96
C PHE A 115 -5.36 7.73 1.89
N ALA A 116 -5.83 8.97 1.78
CA ALA A 116 -6.81 9.30 0.77
C ALA A 116 -6.25 8.93 -0.60
N LYS A 117 -4.97 9.19 -0.84
CA LYS A 117 -4.37 8.90 -2.15
C LYS A 117 -4.29 7.39 -2.41
N ARG A 118 -3.78 6.63 -1.43
CA ARG A 118 -3.76 5.21 -1.53
C ARG A 118 -5.16 4.63 -1.81
N ALA A 119 -6.13 4.93 -0.96
CA ALA A 119 -7.47 4.36 -1.09
C ALA A 119 -8.06 4.66 -2.43
N SER A 120 -7.95 5.90 -2.89
CA SER A 120 -8.41 6.28 -4.21
C SER A 120 -7.80 5.39 -5.27
N THR A 121 -6.48 5.20 -5.16
CA THR A 121 -5.76 4.42 -6.15
C THR A 121 -6.24 2.94 -6.16
N LEU A 122 -6.37 2.32 -5.00
CA LEU A 122 -6.88 0.95 -4.92
C LEU A 122 -8.35 0.84 -5.40
N ASP A 123 -9.16 1.90 -5.18
CA ASP A 123 -10.52 1.93 -5.75
C ASP A 123 -10.43 1.92 -7.29
N HIS A 124 -9.59 2.76 -7.89
CA HIS A 124 -9.38 2.70 -9.35
C HIS A 124 -8.88 1.31 -9.81
N LEU A 125 -7.80 0.81 -9.22
CA LEU A 125 -7.16 -0.43 -9.65
C LEU A 125 -8.08 -1.59 -9.51
N SER A 126 -8.93 -1.57 -8.50
CA SER A 126 -9.85 -2.70 -8.25
C SER A 126 -11.16 -2.67 -9.05
N GLY A 127 -11.47 -1.56 -9.67
CA GLY A 127 -12.74 -1.43 -10.32
C GLY A 127 -13.87 -1.07 -9.38
N GLY A 128 -13.55 -0.39 -8.30
CA GLY A 128 -14.50 0.03 -7.28
C GLY A 128 -14.90 -1.04 -6.30
N ARG A 129 -13.96 -1.86 -5.91
CA ARG A 129 -14.25 -2.93 -5.00
C ARG A 129 -13.66 -2.78 -3.63
N VAL A 130 -13.05 -1.64 -3.31
CA VAL A 130 -12.38 -1.45 -2.03
C VAL A 130 -13.31 -1.07 -0.91
N GLY A 131 -13.05 -1.66 0.25
CA GLY A 131 -13.68 -1.17 1.50
C GLY A 131 -12.67 -0.70 2.50
N TRP A 132 -13.11 0.12 3.42
CA TRP A 132 -12.21 0.64 4.45
C TRP A 132 -12.89 0.58 5.81
N ASN A 133 -12.23 -0.09 6.74
CA ASN A 133 -12.60 -0.15 8.14
C ASN A 133 -11.78 0.83 8.92
N ILE A 134 -12.44 1.74 9.61
CA ILE A 134 -11.79 2.89 10.20
C ILE A 134 -11.43 2.56 11.65
N VAL A 135 -10.14 2.64 11.97
CA VAL A 135 -9.69 2.39 13.31
C VAL A 135 -9.19 3.74 13.85
N THR A 136 -9.76 4.11 15.00
CA THR A 136 -9.40 5.30 15.79
C THR A 136 -8.52 4.96 17.00
N GLY A 137 -8.67 3.70 17.44
CA GLY A 137 -7.99 3.18 18.61
C GLY A 137 -6.55 2.81 18.35
N GLY A 138 -6.11 1.78 19.08
CA GLY A 138 -4.70 1.45 19.17
C GLY A 138 -4.30 0.97 20.55
N THR A 139 -3.06 0.55 20.65
CA THR A 139 -2.54 -0.11 21.84
C THR A 139 -1.33 0.70 22.26
N ILE A 140 -0.84 0.50 23.48
CA ILE A 140 0.19 1.42 24.01
C ILE A 140 1.38 1.39 23.04
N ASN A 141 1.80 0.17 22.72
CA ASN A 141 2.92 -0.03 21.82
C ASN A 141 2.78 0.70 20.47
N ALA A 142 1.55 0.72 19.92
CA ALA A 142 1.28 1.34 18.60
C ALA A 142 1.50 2.84 18.74
N SER A 143 1.04 3.41 19.86
CA SER A 143 1.33 4.82 20.12
C SER A 143 2.85 5.07 20.14
N GLN A 144 3.57 4.20 20.86
CA GLN A 144 5.01 4.39 20.98
C GLN A 144 5.80 4.16 19.71
N ASN A 145 5.22 3.50 18.71
CA ASN A 145 5.90 3.29 17.39
C ASN A 145 5.87 4.54 16.50
N PHE A 146 4.89 5.43 16.76
CA PHE A 146 4.74 6.73 16.09
C PHE A 146 5.12 7.88 17.05
N GLY A 147 5.97 7.61 18.05
CA GLY A 147 6.49 8.62 19.01
C GLY A 147 5.45 9.37 19.87
N TYR A 148 4.85 8.67 20.80
CA TYR A 148 3.80 9.22 21.65
C TYR A 148 3.94 8.53 22.98
N ASP A 149 4.20 9.32 24.03
CA ASP A 149 4.19 8.85 25.42
C ASP A 149 3.20 7.72 25.70
N SER A 150 1.94 8.03 25.42
CA SER A 150 0.80 7.31 25.98
C SER A 150 -0.44 7.48 25.10
N LEU A 151 -1.50 6.76 25.45
CA LEU A 151 -2.70 6.73 24.63
C LEU A 151 -3.32 8.10 24.50
N VAL A 152 -3.82 8.39 23.31
CA VAL A 152 -4.73 9.53 23.09
C VAL A 152 -6.08 9.13 23.75
N PRO A 153 -6.59 9.96 24.69
CA PRO A 153 -7.76 9.59 25.52
C PRO A 153 -9.10 9.50 24.77
N HIS A 154 -10.07 8.80 25.38
CA HIS A 154 -11.31 8.34 24.71
C HIS A 154 -12.07 9.43 24.01
N ASP A 155 -12.32 10.55 24.71
CA ASP A 155 -12.95 11.76 24.13
C ASP A 155 -12.26 12.14 22.79
N GLU A 156 -11.00 12.57 22.91
CA GLU A 156 -10.20 13.02 21.76
C GLU A 156 -10.12 11.97 20.63
N ARG A 157 -10.04 10.70 20.98
CA ARG A 157 -9.99 9.57 20.02
C ARG A 157 -11.02 9.78 18.91
N TYR A 158 -12.28 9.91 19.32
CA TYR A 158 -13.33 10.01 18.34
C TYR A 158 -13.36 11.37 17.71
N ALA A 159 -12.89 12.40 18.40
CA ALA A 159 -12.90 13.74 17.79
C ALA A 159 -11.87 13.78 16.72
N ILE A 160 -10.72 13.13 16.95
CA ILE A 160 -9.66 13.04 15.94
C ILE A 160 -10.21 12.25 14.76
N GLY A 161 -10.86 11.13 15.09
CA GLY A 161 -11.64 10.36 14.14
C GLY A 161 -12.46 11.19 13.18
N GLU A 162 -13.24 12.10 13.73
CA GLU A 162 -14.06 12.98 12.93
C GLU A 162 -13.25 13.87 12.00
N GLU A 163 -12.17 14.47 12.51
CA GLU A 163 -11.44 15.44 11.65
C GLU A 163 -10.88 14.67 10.47
N TYR A 164 -10.30 13.51 10.73
CA TYR A 164 -9.78 12.61 9.68
C TYR A 164 -10.81 12.35 8.55
N MET A 165 -12.03 12.04 8.96
CA MET A 165 -13.08 11.77 7.98
C MET A 165 -13.43 13.03 7.21
N GLU A 166 -13.49 14.16 7.92
CA GLU A 166 -13.70 15.44 7.30
C GLU A 166 -12.61 15.71 6.23
N VAL A 167 -11.33 15.47 6.56
CA VAL A 167 -10.25 15.64 5.58
C VAL A 167 -10.37 14.72 4.36
N VAL A 168 -10.65 13.42 4.54
CA VAL A 168 -10.70 12.47 3.39
C VAL A 168 -11.96 12.66 2.49
N TYR A 169 -13.08 13.03 3.11
CA TYR A 169 -14.26 13.42 2.34
C TYR A 169 -14.05 14.75 1.50
N LYS A 170 -13.37 15.73 2.08
CA LYS A 170 -13.08 16.90 1.36
C LYS A 170 -12.28 16.52 0.12
N LEU A 171 -11.33 15.62 0.31
CA LEU A 171 -10.45 15.19 -0.76
C LEU A 171 -11.18 14.33 -1.81
N TRP A 172 -11.85 13.29 -1.33
CA TRP A 172 -12.51 12.33 -2.22
C TRP A 172 -13.74 12.92 -2.88
N GLU A 173 -14.47 13.81 -2.19
CA GLU A 173 -15.75 14.33 -2.71
C GLU A 173 -15.75 15.80 -3.11
N GLY A 174 -14.90 16.62 -2.52
CA GLY A 174 -14.96 18.04 -2.79
C GLY A 174 -13.97 18.60 -3.75
N SER A 175 -12.81 17.97 -3.80
CA SER A 175 -11.66 18.57 -4.46
C SER A 175 -11.77 18.54 -5.97
N TRP A 176 -12.29 17.42 -6.53
CA TRP A 176 -12.63 17.35 -7.96
C TRP A 176 -14.11 17.30 -8.19
N ASP A 177 -14.64 18.27 -8.95
CA ASP A 177 -16.07 18.31 -9.25
C ASP A 177 -16.41 17.41 -10.40
N GLU A 178 -17.69 17.16 -10.56
CA GLU A 178 -18.20 16.38 -11.70
C GLU A 178 -17.79 17.07 -13.01
N GLY A 179 -17.37 16.27 -14.00
CA GLY A 179 -16.88 16.80 -15.27
C GLY A 179 -15.41 17.24 -15.34
N ALA A 180 -14.62 16.95 -14.32
CA ALA A 180 -13.24 17.42 -14.26
C ALA A 180 -12.32 16.71 -15.23
N LEU A 181 -12.59 15.44 -15.50
CA LEU A 181 -11.81 14.69 -16.49
C LEU A 181 -12.34 15.01 -17.88
N VAL A 182 -11.48 15.55 -18.73
CA VAL A 182 -11.88 15.90 -20.07
C VAL A 182 -11.21 14.97 -21.06
N ALA A 183 -9.90 14.91 -20.98
CA ALA A 183 -9.09 13.96 -21.73
C ALA A 183 -9.31 14.06 -23.23
N ASP A 184 -9.46 15.28 -23.72
CA ASP A 184 -9.61 15.54 -25.16
C ASP A 184 -8.23 15.84 -25.74
N LYS A 185 -7.75 14.96 -26.60
CA LYS A 185 -6.40 15.08 -27.18
C LYS A 185 -6.31 16.17 -28.25
N THR A 186 -7.34 16.21 -29.11
CA THR A 186 -7.44 17.24 -30.14
C THR A 186 -7.50 18.64 -29.54
N LYS A 187 -8.43 18.88 -28.61
CA LYS A 187 -8.52 20.22 -27.97
C LYS A 187 -7.41 20.47 -26.91
N GLY A 188 -6.68 19.43 -26.49
CA GLY A 188 -5.53 19.59 -25.59
C GLY A 188 -5.89 19.94 -24.17
N ILE A 189 -6.95 19.34 -23.63
CA ILE A 189 -7.39 19.55 -22.21
C ILE A 189 -7.53 18.16 -21.54
N TYR A 190 -6.63 17.83 -20.62
CA TYR A 190 -6.69 16.56 -19.93
C TYR A 190 -7.68 16.66 -18.78
N ALA A 191 -7.45 17.57 -17.84
CA ALA A 191 -8.44 17.86 -16.79
C ALA A 191 -8.75 19.35 -16.71
N ASP A 192 -9.96 19.70 -16.27
CA ASP A 192 -10.48 21.08 -16.32
C ASP A 192 -10.12 21.79 -15.04
N PRO A 193 -9.12 22.69 -15.07
CA PRO A 193 -8.67 23.29 -13.78
C PRO A 193 -9.72 24.12 -13.03
N SER A 194 -10.77 24.53 -13.73
CA SER A 194 -11.88 25.25 -13.08
C SER A 194 -12.73 24.37 -12.15
N LYS A 195 -12.57 23.06 -12.27
CA LYS A 195 -13.35 22.08 -11.53
C LYS A 195 -12.49 21.32 -10.54
N ILE A 196 -11.24 21.74 -10.34
CA ILE A 196 -10.32 21.07 -9.40
C ILE A 196 -9.81 22.10 -8.41
N HIS A 197 -9.82 21.79 -7.12
CA HIS A 197 -9.69 22.78 -6.05
C HIS A 197 -8.75 22.34 -4.93
N LYS A 198 -8.04 23.27 -4.31
CA LYS A 198 -7.50 23.01 -2.95
C LYS A 198 -8.64 22.81 -1.96
N ILE A 199 -8.38 22.14 -0.86
CA ILE A 199 -9.40 22.00 0.17
C ILE A 199 -9.20 22.94 1.31
N ASN A 200 -7.95 23.37 1.53
CA ASN A 200 -7.64 24.36 2.56
C ASN A 200 -8.30 23.98 3.85
N HIS A 201 -7.90 22.80 4.29
CA HIS A 201 -8.45 22.27 5.51
C HIS A 201 -7.59 22.75 6.68
N ARG A 202 -8.22 23.38 7.67
CA ARG A 202 -7.53 23.76 8.87
C ARG A 202 -8.32 23.37 10.11
N GLY A 203 -7.74 22.58 10.94
CA GLY A 203 -8.39 22.15 12.16
C GLY A 203 -7.40 21.94 13.29
N GLU A 204 -7.88 21.25 14.33
CA GLU A 204 -7.15 21.10 15.57
C GLU A 204 -5.89 20.28 15.37
N ARG A 205 -6.04 19.21 14.56
CA ARG A 205 -5.01 18.21 14.30
C ARG A 205 -4.37 18.25 12.90
N TYR A 206 -5.10 18.62 11.86
CA TYR A 206 -4.57 18.48 10.50
C TYR A 206 -4.71 19.77 9.83
N ARG A 207 -3.70 20.13 9.05
CA ARG A 207 -3.77 21.23 8.04
C ARG A 207 -3.39 20.59 6.71
N VAL A 208 -4.18 20.83 5.69
CA VAL A 208 -4.04 20.10 4.43
C VAL A 208 -4.51 20.97 3.28
N ALA A 209 -3.60 21.44 2.47
CA ALA A 209 -3.95 22.27 1.34
C ALA A 209 -4.81 21.57 0.24
N GLY A 210 -4.35 20.39 -0.20
CA GLY A 210 -4.92 19.76 -1.39
C GLY A 210 -4.36 20.50 -2.60
N PRO A 211 -4.93 20.33 -3.79
CA PRO A 211 -6.05 19.44 -4.08
C PRO A 211 -5.72 17.98 -3.89
N HIS A 212 -6.75 17.13 -3.91
CA HIS A 212 -6.59 15.67 -4.05
C HIS A 212 -5.83 15.36 -5.32
N LEU A 213 -4.86 14.43 -5.28
CA LEU A 213 -4.06 14.15 -6.46
C LEU A 213 -4.67 13.21 -7.49
N THR A 214 -5.71 12.42 -7.16
CA THR A 214 -6.23 11.39 -8.06
C THR A 214 -7.46 11.84 -8.80
N LEU A 215 -7.74 11.13 -9.89
CA LEU A 215 -8.99 11.25 -10.61
C LEU A 215 -10.03 10.70 -9.66
N PRO A 216 -11.30 11.16 -9.75
CA PRO A 216 -12.39 10.52 -9.05
C PRO A 216 -12.43 9.05 -9.42
N SER A 217 -12.62 8.19 -8.41
CA SER A 217 -12.58 6.74 -8.60
C SER A 217 -14.01 6.21 -8.70
N PRO A 218 -14.17 4.94 -8.96
CA PRO A 218 -15.60 4.58 -9.15
C PRO A 218 -16.54 4.86 -7.95
N GLN A 219 -16.06 4.55 -6.74
CA GLN A 219 -16.80 4.86 -5.52
C GLN A 219 -16.46 6.21 -4.90
N ARG A 220 -15.33 6.82 -5.27
CA ARG A 220 -14.80 8.08 -4.68
C ARG A 220 -14.37 7.90 -3.25
N THR A 221 -15.35 7.65 -2.39
CA THR A 221 -15.15 7.27 -0.99
C THR A 221 -15.30 5.74 -0.92
N PRO A 222 -14.31 5.03 -0.38
CA PRO A 222 -14.50 3.62 -0.38
C PRO A 222 -15.67 3.16 0.50
N PHE A 223 -16.00 1.87 0.38
CA PHE A 223 -17.06 1.30 1.17
C PHE A 223 -16.66 1.34 2.60
N LEU A 224 -17.49 1.98 3.44
CA LEU A 224 -17.11 2.25 4.83
C LEU A 224 -17.68 1.22 5.85
N PHE A 225 -16.75 0.56 6.56
CA PHE A 225 -17.00 -0.34 7.71
C PHE A 225 -16.56 0.40 8.97
N GLN A 226 -17.10 0.02 10.12
CA GLN A 226 -16.66 0.55 11.40
C GLN A 226 -17.05 -0.44 12.50
N ALA A 227 -16.14 -0.69 13.44
CA ALA A 227 -16.39 -1.63 14.57
C ALA A 227 -16.32 -0.91 15.91
N GLY A 228 -17.00 0.22 16.00
CA GLY A 228 -17.24 0.83 17.30
C GLY A 228 -18.16 -0.04 18.13
N ALA A 229 -17.70 -0.47 19.30
CA ALA A 229 -18.50 -1.25 20.27
C ALA A 229 -19.11 -0.36 21.35
N SER A 230 -18.34 0.63 21.80
CA SER A 230 -18.75 1.59 22.82
C SER A 230 -19.78 2.58 22.34
N THR A 231 -20.27 3.35 23.30
CA THR A 231 -21.15 4.49 23.06
C THR A 231 -20.61 5.41 21.93
N ALA A 232 -19.42 6.00 22.09
CA ALA A 232 -18.91 6.89 21.04
C ALA A 232 -18.75 6.13 19.70
N GLY A 233 -18.28 4.89 19.79
CA GLY A 233 -18.20 3.97 18.68
C GLY A 233 -19.49 3.80 17.91
N ARG A 234 -20.55 3.36 18.60
CA ARG A 234 -21.84 3.25 17.94
C ARG A 234 -22.28 4.60 17.26
N ALA A 235 -22.07 5.73 17.93
CA ALA A 235 -22.49 7.01 17.40
C ALA A 235 -21.73 7.33 16.10
N PHE A 236 -20.42 7.15 16.13
CA PHE A 236 -19.52 7.32 14.98
C PHE A 236 -19.94 6.41 13.80
N ALA A 237 -20.26 5.17 14.15
CA ALA A 237 -20.72 4.18 13.20
C ALA A 237 -22.02 4.66 12.54
N SER A 238 -22.90 5.30 13.31
CA SER A 238 -24.21 5.71 12.81
C SER A 238 -24.02 6.88 11.92
N ARG A 239 -23.04 7.69 12.24
CA ARG A 239 -22.74 8.84 11.44
C ARG A 239 -22.10 8.49 10.07
N HIS A 240 -21.15 7.57 10.09
CA HIS A 240 -20.26 7.29 8.94
C HIS A 240 -20.38 5.90 8.28
N ALA A 241 -20.68 4.86 9.05
CA ALA A 241 -20.61 3.47 8.52
C ALA A 241 -21.70 3.10 7.48
N GLU A 242 -21.34 2.26 6.52
CA GLU A 242 -22.30 1.59 5.68
C GLU A 242 -22.57 0.16 6.23
N ALA A 243 -21.58 -0.43 6.88
CA ALA A 243 -21.80 -1.67 7.61
C ALA A 243 -21.05 -1.56 8.92
N THR A 244 -21.67 -1.96 10.02
CA THR A 244 -20.98 -1.92 11.31
C THR A 244 -20.76 -3.34 11.77
N LEU A 245 -19.55 -3.63 12.19
CA LEU A 245 -19.16 -4.99 12.54
C LEU A 245 -19.46 -5.09 14.01
N VAL A 246 -20.45 -5.89 14.37
CA VAL A 246 -20.85 -5.99 15.75
C VAL A 246 -20.67 -7.38 16.28
N LEU A 247 -20.76 -7.47 17.61
CA LEU A 247 -20.58 -8.70 18.36
C LEU A 247 -21.65 -8.87 19.42
N CYS A 248 -22.87 -9.18 18.98
CA CYS A 248 -23.95 -9.56 19.88
C CYS A 248 -23.82 -11.02 20.29
N LEU A 249 -24.17 -11.35 21.54
CA LEU A 249 -24.06 -12.72 22.05
C LEU A 249 -25.21 -13.65 21.65
N THR A 250 -26.38 -13.10 21.36
CA THR A 250 -27.61 -13.86 21.09
C THR A 250 -28.46 -13.11 20.07
N PRO A 251 -29.41 -13.78 19.43
CA PRO A 251 -30.39 -13.04 18.66
C PRO A 251 -31.18 -11.96 19.41
N ASP A 252 -31.59 -12.18 20.66
CA ASP A 252 -32.29 -11.11 21.42
C ASP A 252 -31.39 -9.90 21.61
N SER A 253 -30.11 -10.13 21.84
CA SER A 253 -29.15 -9.03 22.00
C SER A 253 -28.94 -8.23 20.68
N MET A 254 -29.13 -8.91 19.56
CA MET A 254 -29.09 -8.28 18.22
C MET A 254 -30.30 -7.37 18.03
N ARG A 255 -31.47 -7.83 18.45
CA ARG A 255 -32.69 -7.03 18.36
C ARG A 255 -32.54 -5.71 19.10
N VAL A 256 -31.98 -5.79 20.30
CA VAL A 256 -31.69 -4.59 21.09
C VAL A 256 -30.69 -3.69 20.37
N ALA A 257 -29.53 -4.24 20.00
CA ALA A 257 -28.52 -3.44 19.30
C ALA A 257 -29.02 -2.86 17.97
N TYR A 258 -29.84 -3.62 17.25
CA TYR A 258 -30.53 -3.14 16.04
C TYR A 258 -31.39 -1.89 16.31
N LYS A 259 -32.29 -2.05 17.27
CA LYS A 259 -33.27 -1.03 17.64
C LYS A 259 -32.56 0.27 18.03
N GLN A 260 -31.49 0.14 18.81
CA GLN A 260 -30.67 1.27 19.26
C GLN A 260 -29.98 1.97 18.07
N MET A 261 -29.42 1.19 17.17
CA MET A 261 -28.76 1.74 15.98
C MET A 261 -29.75 2.52 15.10
N GLN A 262 -31.00 2.06 15.02
CA GLN A 262 -32.06 2.79 14.31
C GLN A 262 -32.33 4.20 14.93
N GLU A 263 -32.30 4.29 16.26
CA GLU A 263 -32.38 5.59 16.97
C GLU A 263 -31.21 6.47 16.54
N LEU A 264 -29.98 5.95 16.60
CA LEU A 264 -28.82 6.77 16.28
C LEU A 264 -28.80 7.25 14.80
N LEU A 265 -29.18 6.38 13.85
CA LEU A 265 -29.35 6.74 12.43
C LEU A 265 -30.32 7.92 12.18
N ALA A 266 -31.45 7.89 12.88
CA ALA A 266 -32.43 8.96 12.82
C ALA A 266 -31.80 10.26 13.35
N ALA A 267 -31.17 10.23 14.52
CA ALA A 267 -30.35 11.38 15.05
C ALA A 267 -29.31 11.88 14.02
N ALA A 268 -28.65 10.93 13.35
CA ALA A 268 -27.70 11.27 12.28
C ALA A 268 -28.35 11.85 11.06
N GLY A 269 -29.65 11.71 10.95
CA GLY A 269 -30.32 12.11 9.69
C GLY A 269 -30.04 11.16 8.55
N ARG A 270 -29.91 9.87 8.88
CA ARG A 270 -29.82 8.83 7.88
C ARG A 270 -31.06 7.93 7.87
N ALA A 271 -31.21 7.15 6.79
CA ALA A 271 -32.38 6.27 6.63
C ALA A 271 -32.14 5.01 7.40
N SER A 272 -33.22 4.33 7.80
CA SER A 272 -33.09 3.08 8.57
C SER A 272 -32.34 1.98 7.81
N ASP A 273 -32.38 1.98 6.47
CA ASP A 273 -31.65 0.99 5.64
C ASP A 273 -30.27 1.47 5.17
N ASP A 274 -29.73 2.55 5.74
CA ASP A 274 -28.41 3.09 5.31
C ASP A 274 -27.21 2.37 5.91
N LEU A 275 -27.42 1.50 6.88
CA LEU A 275 -26.32 0.86 7.60
C LEU A 275 -26.75 -0.55 7.89
N LEU A 276 -25.93 -1.53 7.51
CA LEU A 276 -26.18 -2.95 7.81
C LEU A 276 -25.46 -3.33 9.10
N MET A 277 -26.07 -4.13 9.94
CA MET A 277 -25.43 -4.67 11.13
C MET A 277 -24.82 -6.00 10.69
N VAL A 278 -23.53 -6.18 10.95
CA VAL A 278 -22.83 -7.33 10.43
C VAL A 278 -22.22 -8.09 11.60
N GLN A 279 -22.78 -9.26 11.91
CA GLN A 279 -22.50 -9.98 13.17
C GLN A 279 -21.29 -10.92 13.08
N GLY A 280 -20.43 -10.91 14.09
CA GLY A 280 -19.23 -11.75 14.10
C GLY A 280 -19.59 -13.19 14.34
N MET A 281 -19.25 -14.09 13.39
CA MET A 281 -19.52 -15.52 13.50
C MET A 281 -18.43 -16.45 12.95
N SER A 282 -18.48 -17.71 13.36
CA SER A 282 -17.63 -18.76 12.78
C SER A 282 -18.43 -20.03 12.74
N PHE A 283 -17.94 -21.04 12.05
CA PHE A 283 -18.81 -22.16 11.70
C PHE A 283 -18.02 -23.46 11.64
N ILE A 284 -18.62 -24.52 12.18
CA ILE A 284 -18.14 -25.87 11.94
C ILE A 284 -19.32 -26.64 11.48
N VAL A 285 -19.12 -27.38 10.40
CA VAL A 285 -20.25 -27.92 9.69
C VAL A 285 -19.99 -29.34 9.21
N GLY A 286 -21.06 -30.13 9.18
CA GLY A 286 -21.01 -31.58 8.91
C GLY A 286 -22.32 -32.07 8.35
N SER A 287 -22.32 -33.25 7.72
CA SER A 287 -23.55 -33.89 7.21
C SER A 287 -24.52 -34.36 8.33
N THR A 288 -23.94 -34.74 9.45
CA THR A 288 -24.71 -35.07 10.61
C THR A 288 -24.23 -34.16 11.73
N GLU A 289 -25.07 -34.07 12.77
CA GLU A 289 -24.73 -33.37 14.00
C GLU A 289 -23.51 -34.03 14.68
N GLU A 290 -23.39 -35.36 14.57
CA GLU A 290 -22.25 -36.04 15.20
C GLU A 290 -20.91 -35.69 14.50
N GLU A 291 -20.91 -35.62 13.17
CA GLU A 291 -19.72 -35.18 12.43
C GLU A 291 -19.28 -33.77 12.80
N ALA A 292 -20.23 -32.85 12.93
CA ALA A 292 -19.92 -31.44 13.22
C ALA A 292 -19.26 -31.32 14.58
N ARG A 293 -19.89 -31.98 15.56
CA ARG A 293 -19.40 -32.03 16.95
C ARG A 293 -18.00 -32.61 17.00
N ARG A 294 -17.77 -33.67 16.23
CA ARG A 294 -16.46 -34.34 16.17
C ARG A 294 -15.38 -33.42 15.55
N LYS A 295 -15.72 -32.68 14.48
CA LYS A 295 -14.81 -31.62 13.92
C LYS A 295 -14.49 -30.56 14.95
N ALA A 296 -15.54 -30.11 15.65
CA ALA A 296 -15.33 -29.15 16.75
C ALA A 296 -14.34 -29.64 17.82
N GLU A 297 -14.52 -30.88 18.31
CA GLU A 297 -13.59 -31.48 19.33
C GLU A 297 -12.19 -31.59 18.80
N GLU A 298 -12.03 -32.00 17.53
CA GLU A 298 -10.68 -32.08 16.98
C GLU A 298 -10.00 -30.69 17.04
N GLN A 299 -10.68 -29.67 16.53
CA GLN A 299 -10.10 -28.31 16.49
C GLN A 299 -9.90 -27.73 17.84
N ASP A 300 -10.78 -28.06 18.79
CA ASP A 300 -10.75 -27.44 20.13
C ASP A 300 -9.56 -27.91 20.99
N GLN A 301 -8.99 -29.09 20.70
CA GLN A 301 -7.66 -29.50 21.21
C GLN A 301 -6.56 -28.43 20.99
N TYR A 302 -6.59 -27.72 19.85
CA TYR A 302 -5.60 -26.68 19.56
C TYR A 302 -5.97 -25.31 20.19
N LEU A 303 -7.04 -25.24 20.97
CA LEU A 303 -7.38 -24.03 21.71
C LEU A 303 -6.45 -23.87 22.94
N ASP A 304 -5.53 -22.92 22.89
CA ASP A 304 -4.49 -22.71 23.88
C ASP A 304 -5.04 -21.67 24.86
N VAL A 305 -5.33 -22.13 26.08
CA VAL A 305 -6.08 -21.38 27.11
C VAL A 305 -5.26 -20.17 27.59
N ASP A 306 -3.95 -20.36 27.69
CA ASP A 306 -3.04 -19.28 28.09
C ASP A 306 -2.85 -18.21 27.02
N ALA A 307 -2.86 -18.57 25.74
CA ALA A 307 -2.84 -17.58 24.65
C ALA A 307 -4.10 -16.73 24.64
N LEU A 308 -5.24 -17.40 24.64
CA LEU A 308 -6.53 -16.73 24.84
C LEU A 308 -6.56 -15.88 26.11
N ALA A 309 -6.09 -16.43 27.24
CA ALA A 309 -5.95 -15.66 28.49
C ALA A 309 -5.11 -14.40 28.26
N ALA A 310 -3.95 -14.53 27.63
CA ALA A 310 -3.14 -13.37 27.25
C ALA A 310 -3.74 -12.40 26.21
N ARG A 311 -4.75 -12.80 25.43
CA ARG A 311 -5.44 -11.87 24.49
C ARG A 311 -6.53 -11.11 25.20
N VAL A 312 -7.31 -11.84 25.99
CA VAL A 312 -8.43 -11.32 26.76
C VAL A 312 -7.94 -10.54 27.97
N SER A 313 -6.79 -10.92 28.54
CA SER A 313 -6.22 -10.21 29.70
C SER A 313 -5.76 -8.83 29.28
N ARG A 314 -5.18 -8.70 28.08
CA ARG A 314 -4.92 -7.35 27.52
C ARG A 314 -6.23 -6.57 27.38
N ASP A 315 -7.23 -7.19 26.75
CA ASP A 315 -8.43 -6.44 26.31
C ASP A 315 -9.40 -6.10 27.44
N LEU A 316 -9.26 -6.74 28.58
CA LEU A 316 -10.07 -6.45 29.75
C LEU A 316 -9.24 -5.93 30.95
N GLY A 317 -7.94 -5.66 30.78
CA GLY A 317 -7.03 -5.35 31.90
C GLY A 317 -6.65 -6.59 32.73
N VAL A 318 -7.67 -7.14 33.40
CA VAL A 318 -7.56 -8.26 34.38
C VAL A 318 -6.68 -9.47 34.02
N ASP A 319 -5.61 -9.64 34.80
CA ASP A 319 -4.74 -10.82 34.78
C ASP A 319 -5.52 -12.12 34.90
N LEU A 320 -5.32 -13.02 33.95
CA LEU A 320 -5.95 -14.34 34.01
C LEU A 320 -4.89 -15.37 33.67
N SER A 321 -3.71 -15.23 34.25
CA SER A 321 -2.55 -16.05 33.89
C SER A 321 -2.68 -17.56 34.12
N GLY A 322 -3.46 -17.98 35.14
CA GLY A 322 -3.59 -19.42 35.48
C GLY A 322 -4.97 -20.08 35.33
N ALA A 323 -5.88 -19.45 34.61
CA ALA A 323 -7.21 -20.03 34.44
C ALA A 323 -7.12 -21.33 33.67
N ASP A 324 -7.84 -22.31 34.19
CA ASP A 324 -8.05 -23.60 33.54
C ASP A 324 -9.21 -23.38 32.56
N ALA A 325 -9.27 -24.23 31.53
CA ALA A 325 -10.29 -24.13 30.48
C ALA A 325 -11.69 -24.53 30.98
N ASP A 326 -11.74 -25.59 31.80
CA ASP A 326 -13.00 -26.16 32.29
C ASP A 326 -13.56 -25.38 33.49
N GLN A 327 -12.75 -24.45 34.02
CA GLN A 327 -13.15 -23.50 35.08
C GLN A 327 -14.30 -22.58 34.64
N PRO A 328 -15.40 -22.54 35.41
CA PRO A 328 -16.45 -21.54 35.10
C PRO A 328 -15.97 -20.08 35.30
N LEU A 329 -16.47 -19.15 34.49
CA LEU A 329 -16.04 -17.74 34.59
C LEU A 329 -16.43 -17.09 35.93
N ASP A 330 -17.66 -17.37 36.36
CA ASP A 330 -18.16 -16.88 37.67
C ASP A 330 -17.36 -17.35 38.89
N THR A 331 -16.61 -18.46 38.76
CA THR A 331 -15.68 -18.90 39.80
C THR A 331 -14.48 -17.91 39.93
N ILE A 332 -14.19 -17.13 38.87
CA ILE A 332 -13.20 -16.02 38.93
C ILE A 332 -13.80 -14.68 39.41
N GLN A 333 -13.03 -14.02 40.28
CA GLN A 333 -13.47 -12.88 41.10
C GLN A 333 -12.99 -11.53 40.58
N THR A 334 -13.66 -11.05 39.54
CA THR A 334 -13.39 -9.73 38.99
C THR A 334 -14.75 -9.18 38.59
N GLU A 335 -14.82 -7.87 38.44
CA GLU A 335 -16.01 -7.23 37.89
C GLU A 335 -16.16 -7.51 36.41
N ALA A 336 -15.02 -7.66 35.71
CA ALA A 336 -15.00 -8.02 34.28
C ALA A 336 -15.66 -9.38 34.04
N THR A 337 -15.19 -10.45 34.70
CA THR A 337 -15.70 -11.86 34.45
C THR A 337 -16.98 -12.30 35.19
N GLN A 338 -17.39 -11.53 36.21
CA GLN A 338 -18.72 -11.72 36.81
C GLN A 338 -19.87 -11.34 35.87
N GLY A 339 -19.76 -10.14 35.25
CA GLY A 339 -20.76 -9.59 34.33
C GLY A 339 -20.70 -10.08 32.88
N ILE A 340 -19.58 -10.71 32.52
CA ILE A 340 -19.42 -11.37 31.24
C ILE A 340 -19.92 -12.84 31.28
N ALA A 341 -19.80 -13.49 32.43
CA ALA A 341 -20.51 -14.75 32.68
C ALA A 341 -22.01 -14.56 32.71
N LYS A 342 -22.53 -13.44 33.24
CA LYS A 342 -24.01 -13.17 33.23
C LYS A 342 -24.54 -13.06 31.79
N LEU A 343 -23.83 -12.24 30.99
CA LEU A 343 -24.07 -12.05 29.53
C LEU A 343 -24.05 -13.38 28.79
N MET A 344 -22.95 -14.11 28.95
CA MET A 344 -22.79 -15.39 28.23
C MET A 344 -23.69 -16.55 28.65
N MET A 345 -24.42 -16.46 29.77
CA MET A 345 -25.21 -17.61 30.31
C MET A 345 -26.03 -18.31 29.19
N GLU A 346 -26.68 -17.49 28.36
CA GLU A 346 -27.62 -17.98 27.33
C GLU A 346 -26.98 -18.30 25.96
N ALA A 347 -25.69 -17.97 25.77
CA ALA A 347 -24.94 -18.26 24.51
C ALA A 347 -24.19 -19.61 24.50
N VAL A 348 -24.17 -20.29 25.65
CA VAL A 348 -23.49 -21.60 25.86
C VAL A 348 -24.54 -22.73 26.03
N PRO A 349 -24.34 -23.91 25.37
CA PRO A 349 -25.23 -25.09 25.50
C PRO A 349 -25.68 -25.49 26.94
N ASP A 350 -24.72 -25.78 27.82
CA ASP A 350 -24.96 -25.76 29.28
C ASP A 350 -25.00 -24.28 29.73
N GLY A 351 -25.87 -23.93 30.68
CA GLY A 351 -26.00 -22.53 31.11
C GLY A 351 -24.87 -21.98 31.98
N ARG A 352 -23.65 -22.51 31.87
CA ARG A 352 -22.53 -22.04 32.68
C ARG A 352 -21.30 -21.74 31.78
N PRO A 353 -21.04 -20.45 31.52
CA PRO A 353 -19.89 -20.06 30.72
C PRO A 353 -18.56 -20.40 31.39
N LYS A 354 -17.61 -20.82 30.56
CA LYS A 354 -16.31 -21.29 30.98
C LYS A 354 -15.22 -20.48 30.29
N VAL A 355 -13.98 -20.70 30.73
CA VAL A 355 -12.86 -19.99 30.17
C VAL A 355 -12.71 -20.40 28.70
N LYS A 356 -12.96 -21.67 28.38
CA LYS A 356 -12.96 -22.15 26.98
C LYS A 356 -14.10 -21.60 26.09
N ASP A 357 -15.13 -20.97 26.68
CA ASP A 357 -16.16 -20.22 25.93
C ASP A 357 -15.77 -18.76 25.61
N LEU A 358 -14.75 -18.20 26.27
CA LEU A 358 -14.26 -16.83 26.00
C LEU A 358 -13.99 -16.43 24.54
N PRO A 359 -13.83 -17.41 23.63
CA PRO A 359 -13.79 -16.94 22.25
C PRO A 359 -15.10 -16.30 21.76
N LEU A 360 -16.21 -16.54 22.46
CA LEU A 360 -17.53 -15.93 22.14
C LEU A 360 -17.53 -14.40 22.16
N LEU A 361 -16.62 -13.82 22.92
CA LEU A 361 -16.44 -12.37 22.90
C LEU A 361 -15.98 -11.82 21.55
N TYR A 362 -15.38 -12.68 20.72
CA TYR A 362 -14.79 -12.31 19.46
C TYR A 362 -15.52 -12.87 18.23
N SER A 363 -16.05 -14.09 18.28
CA SER A 363 -17.05 -14.56 17.29
C SER A 363 -17.91 -15.61 17.92
N ILE A 364 -19.17 -15.63 17.48
CA ILE A 364 -20.15 -16.63 17.87
C ILE A 364 -20.01 -17.79 16.89
N ARG A 365 -19.74 -18.97 17.42
CA ARG A 365 -19.59 -20.16 16.60
C ARG A 365 -20.89 -20.94 16.59
N ILE A 366 -21.34 -21.33 15.40
CA ILE A 366 -22.43 -22.27 15.29
C ILE A 366 -21.80 -23.57 14.75
N VAL A 367 -22.11 -24.67 15.41
CA VAL A 367 -21.76 -25.98 14.95
C VAL A 367 -23.02 -26.66 14.49
N GLY A 368 -22.97 -27.32 13.34
CA GLY A 368 -24.11 -28.15 12.93
C GLY A 368 -24.05 -28.66 11.51
N THR A 369 -25.23 -29.00 11.01
CA THR A 369 -25.41 -29.38 9.64
C THR A 369 -25.76 -28.13 8.88
N PRO A 370 -25.72 -28.19 7.56
CA PRO A 370 -26.17 -27.01 6.82
C PRO A 370 -27.57 -26.53 7.24
N GLU A 371 -28.48 -27.46 7.50
CA GLU A 371 -29.89 -27.15 7.80
C GLU A 371 -30.01 -26.41 9.16
N THR A 372 -29.41 -27.00 10.19
CA THR A 372 -29.29 -26.39 11.52
C THR A 372 -28.65 -25.00 11.52
N ILE A 373 -27.49 -24.89 10.88
CA ILE A 373 -26.81 -23.59 10.79
C ILE A 373 -27.75 -22.54 10.14
N ALA A 374 -28.40 -22.93 9.05
CA ALA A 374 -29.33 -22.04 8.37
C ALA A 374 -30.56 -21.62 9.23
N ASP A 375 -31.13 -22.57 9.97
CA ASP A 375 -32.27 -22.27 10.85
C ASP A 375 -31.83 -21.25 11.91
N GLU A 376 -30.68 -21.49 12.53
CA GLU A 376 -30.10 -20.57 13.53
C GLU A 376 -29.81 -19.17 12.92
N LEU A 377 -29.33 -19.13 11.69
CA LEU A 377 -29.00 -17.89 11.02
C LEU A 377 -30.27 -17.16 10.64
N THR A 378 -31.33 -17.91 10.39
CA THR A 378 -32.64 -17.32 10.15
C THR A 378 -33.09 -16.53 11.39
N GLU A 379 -32.84 -17.05 12.60
CA GLU A 379 -33.23 -16.33 13.82
C GLU A 379 -32.47 -15.01 13.91
N TRP A 380 -31.18 -15.04 13.63
CA TRP A 380 -30.34 -13.83 13.74
C TRP A 380 -30.76 -12.75 12.73
N ARG A 381 -30.98 -13.15 11.50
CA ARG A 381 -31.50 -12.20 10.51
C ARG A 381 -32.85 -11.58 10.94
N ASP A 382 -33.78 -12.39 11.45
CA ASP A 382 -35.08 -11.87 11.89
C ASP A 382 -34.90 -10.94 13.09
N ALA A 383 -33.88 -11.16 13.89
CA ALA A 383 -33.45 -10.12 14.85
C ALA A 383 -32.79 -8.85 14.24
N GLY A 384 -32.61 -8.76 12.93
CA GLY A 384 -32.02 -7.55 12.29
C GLY A 384 -30.57 -7.65 11.86
N MET A 385 -30.04 -8.87 11.80
CA MET A 385 -28.72 -9.12 11.27
C MET A 385 -28.80 -8.94 9.76
N GLY A 386 -27.98 -8.02 9.23
CA GLY A 386 -27.89 -7.77 7.79
C GLY A 386 -26.74 -8.50 7.09
N GLY A 387 -25.77 -8.96 7.88
CA GLY A 387 -24.57 -9.54 7.33
C GLY A 387 -23.87 -10.42 8.33
N ILE A 388 -23.00 -11.30 7.79
CA ILE A 388 -22.14 -12.18 8.58
C ILE A 388 -20.69 -11.75 8.42
N ASN A 389 -20.03 -11.52 9.55
CA ASN A 389 -18.62 -11.30 9.63
C ASN A 389 -17.93 -12.63 10.02
N MET A 390 -17.57 -13.44 9.02
CA MET A 390 -17.16 -14.81 9.27
C MET A 390 -15.68 -14.92 9.60
N ALA A 391 -15.34 -15.28 10.83
CA ALA A 391 -13.93 -15.51 11.17
C ALA A 391 -13.61 -16.97 10.95
N ALA A 392 -12.34 -17.31 10.94
CA ALA A 392 -11.91 -18.70 10.72
C ALA A 392 -11.21 -19.24 11.97
N GLN A 393 -11.49 -20.51 12.24
CA GLN A 393 -10.75 -21.29 13.19
C GLN A 393 -9.63 -22.04 12.51
N MET A 394 -9.86 -22.49 11.29
CA MET A 394 -8.78 -22.95 10.40
C MET A 394 -8.87 -22.22 9.04
N LEU A 395 -7.74 -22.02 8.40
CA LEU A 395 -7.69 -21.68 6.99
C LEU A 395 -6.90 -22.75 6.18
N PRO A 396 -7.41 -23.22 5.02
CA PRO A 396 -8.61 -22.65 4.34
C PRO A 396 -9.93 -23.24 4.79
N GLY A 397 -9.85 -24.16 5.76
CA GLY A 397 -10.94 -25.06 6.19
C GLY A 397 -12.24 -24.44 6.64
N THR A 398 -12.24 -23.52 7.57
CA THR A 398 -13.52 -22.93 7.93
C THR A 398 -14.18 -22.29 6.72
N ASP A 399 -13.41 -21.56 5.92
CA ASP A 399 -13.99 -20.87 4.76
C ASP A 399 -14.45 -21.88 3.71
N ALA A 400 -13.57 -22.85 3.40
CA ALA A 400 -13.89 -23.93 2.43
C ALA A 400 -15.10 -24.72 2.84
N ASP A 401 -15.17 -25.17 4.09
CA ASP A 401 -16.38 -25.91 4.54
C ASP A 401 -17.64 -25.05 4.44
N PHE A 402 -17.57 -23.81 4.91
CA PHE A 402 -18.70 -22.86 4.80
C PHE A 402 -19.21 -22.67 3.37
N VAL A 403 -18.32 -22.52 2.44
CA VAL A 403 -18.64 -22.37 1.04
C VAL A 403 -19.21 -23.66 0.45
N ASP A 404 -18.58 -24.77 0.73
CA ASP A 404 -19.00 -26.04 0.23
C ASP A 404 -20.32 -26.54 0.78
N TYR A 405 -20.59 -26.30 2.04
CA TYR A 405 -21.80 -26.83 2.66
C TYR A 405 -22.96 -25.89 3.02
N VAL A 406 -22.65 -24.76 3.63
CA VAL A 406 -23.65 -23.77 4.16
C VAL A 406 -24.18 -22.86 3.06
N VAL A 407 -23.28 -22.32 2.23
CA VAL A 407 -23.68 -21.41 1.16
C VAL A 407 -24.78 -21.99 0.28
N PRO A 408 -24.60 -23.22 -0.23
CA PRO A 408 -25.66 -23.82 -1.06
C PRO A 408 -27.01 -23.90 -0.31
N GLU A 409 -26.97 -24.18 1.01
CA GLU A 409 -28.20 -24.25 1.77
C GLU A 409 -28.81 -22.88 1.81
N LEU A 410 -28.01 -21.89 2.17
CA LEU A 410 -28.48 -20.51 2.25
C LEU A 410 -29.00 -20.02 0.89
N GLN A 411 -28.38 -20.45 -0.18
CA GLN A 411 -28.87 -20.09 -1.48
C GLN A 411 -30.25 -20.69 -1.79
N ARG A 412 -30.43 -21.93 -1.42
CA ARG A 412 -31.64 -22.70 -1.62
C ARG A 412 -32.81 -22.06 -0.92
N ARG A 413 -32.58 -21.56 0.27
CA ARG A 413 -33.59 -20.80 1.04
C ARG A 413 -33.64 -19.32 0.73
N GLY A 414 -32.91 -18.86 -0.30
CA GLY A 414 -32.90 -17.44 -0.68
C GLY A 414 -32.26 -16.47 0.31
N MET A 415 -31.36 -16.96 1.15
CA MET A 415 -30.70 -16.10 2.14
C MET A 415 -29.30 -15.64 1.69
N VAL A 416 -28.75 -16.29 0.64
CA VAL A 416 -27.46 -15.88 0.06
C VAL A 416 -27.66 -15.79 -1.45
N GLN A 417 -26.96 -14.85 -2.07
CA GLN A 417 -27.21 -14.54 -3.50
C GLN A 417 -26.66 -15.66 -4.35
N HIS A 418 -27.32 -15.90 -5.49
CA HIS A 418 -26.91 -16.94 -6.50
C HIS A 418 -25.83 -16.46 -7.45
N GLU A 419 -25.81 -15.15 -7.75
CA GLU A 419 -24.80 -14.56 -8.67
C GLU A 419 -24.32 -13.21 -8.14
N TYR A 420 -23.24 -12.69 -8.71
CA TYR A 420 -22.80 -11.38 -8.34
C TYR A 420 -23.58 -10.41 -9.19
N ARG A 421 -24.06 -9.31 -8.61
CA ARG A 421 -24.59 -8.20 -9.38
C ARG A 421 -23.48 -7.35 -9.95
N PRO A 422 -23.71 -6.80 -11.14
CA PRO A 422 -22.72 -5.83 -11.63
C PRO A 422 -22.66 -4.55 -10.76
N GLY A 423 -21.47 -3.96 -10.72
CA GLY A 423 -21.27 -2.62 -10.17
C GLY A 423 -20.16 -2.61 -9.15
N THR A 424 -19.93 -1.43 -8.58
CA THR A 424 -19.02 -1.28 -7.45
C THR A 424 -19.49 -2.08 -6.22
N LEU A 425 -18.57 -2.32 -5.29
CA LEU A 425 -18.92 -2.94 -4.02
C LEU A 425 -20.14 -2.27 -3.39
N ARG A 426 -20.20 -0.92 -3.40
CA ARG A 426 -21.37 -0.20 -2.83
C ARG A 426 -22.70 -0.56 -3.56
N GLU A 427 -22.68 -0.60 -4.87
CA GLU A 427 -23.85 -1.06 -5.63
C GLU A 427 -24.16 -2.54 -5.40
N LYS A 428 -23.17 -3.36 -5.07
CA LYS A 428 -23.45 -4.78 -4.72
C LYS A 428 -24.14 -4.91 -3.35
N VAL A 429 -23.66 -4.14 -2.38
CA VAL A 429 -24.22 -4.20 -1.02
C VAL A 429 -25.59 -3.53 -0.93
N PHE A 430 -25.76 -2.43 -1.64
CA PHE A 430 -27.00 -1.69 -1.63
C PHE A 430 -27.52 -1.69 -3.02
N PRO A 431 -28.17 -2.77 -3.45
CA PRO A 431 -28.66 -3.07 -4.78
C PRO A 431 -29.21 -1.99 -5.68
N GLY A 432 -30.11 -1.16 -5.24
CA GLY A 432 -30.59 -0.17 -6.17
C GLY A 432 -29.83 1.10 -6.30
N ARG A 433 -28.85 1.31 -5.45
CA ARG A 433 -28.16 2.57 -5.47
C ARG A 433 -27.02 2.85 -6.42
N ASP A 434 -26.58 4.08 -6.35
CA ASP A 434 -25.50 4.66 -7.11
C ASP A 434 -24.18 4.23 -6.53
N ARG A 435 -23.12 4.43 -7.28
CA ARG A 435 -21.81 4.12 -6.82
C ARG A 435 -21.36 5.15 -5.81
N LEU A 436 -21.95 6.34 -5.83
CA LEU A 436 -21.57 7.35 -4.89
C LEU A 436 -22.51 7.32 -3.76
N LEU A 437 -22.02 7.70 -2.60
CA LEU A 437 -22.81 7.76 -1.37
C LEU A 437 -24.02 8.64 -1.51
N ASN A 438 -25.15 8.15 -0.99
CA ASN A 438 -26.40 8.92 -0.93
C ASN A 438 -26.22 10.29 -0.25
N GLU A 439 -27.17 11.14 -0.57
CA GLU A 439 -27.21 12.53 -0.14
C GLU A 439 -27.39 12.69 1.39
N ARG A 440 -27.89 11.65 2.06
CA ARG A 440 -28.02 11.67 3.51
C ARG A 440 -26.68 11.49 4.25
N HIS A 441 -25.63 11.06 3.54
CA HIS A 441 -24.39 10.66 4.17
C HIS A 441 -23.51 11.89 4.29
N PRO A 442 -22.79 12.08 5.42
CA PRO A 442 -21.86 13.22 5.60
C PRO A 442 -20.97 13.57 4.43
N ALA A 443 -20.38 12.57 3.82
CA ALA A 443 -19.52 12.74 2.66
C ALA A 443 -20.15 13.59 1.58
N SER A 444 -21.43 13.35 1.35
CA SER A 444 -22.16 14.02 0.31
C SER A 444 -22.24 15.49 0.39
N ARG A 445 -21.98 16.00 1.57
CA ARG A 445 -22.01 17.41 1.83
C ARG A 445 -20.75 18.15 1.37
N TYR A 446 -19.69 17.44 1.05
CA TYR A 446 -18.49 18.08 0.55
C TYR A 446 -18.56 18.23 -0.96
N ARG A 447 -19.50 17.55 -1.58
CA ARG A 447 -19.67 17.63 -2.98
C ARG A 447 -20.07 19.04 -3.28
N GLY A 448 -19.38 19.67 -4.20
CA GLY A 448 -19.70 21.04 -4.53
C GLY A 448 -19.17 22.21 -3.72
N ILE A 449 -18.77 22.00 -2.48
CA ILE A 449 -18.30 23.11 -1.69
C ILE A 449 -17.18 24.00 -2.11
N PHE A 450 -16.24 23.55 -2.92
CA PHE A 450 -15.14 24.43 -3.25
C PHE A 450 -15.24 25.04 -4.62
N SER A 451 -16.36 24.84 -5.26
CA SER A 451 -16.62 25.43 -6.53
C SER A 451 -17.55 26.58 -6.21
N MET B 1 30.58 -10.51 -10.07
CA MET B 1 30.56 -9.33 -11.00
C MET B 1 29.43 -9.54 -12.02
N ARG B 2 28.68 -8.48 -12.37
CA ARG B 2 27.68 -8.55 -13.47
C ARG B 2 28.27 -8.03 -14.83
N ASP B 3 28.13 -8.79 -15.92
CA ASP B 3 28.66 -8.40 -17.25
C ASP B 3 27.67 -7.64 -18.12
N THR B 4 26.38 -7.92 -17.91
CA THR B 4 25.28 -7.30 -18.66
C THR B 4 24.84 -5.97 -18.04
N LEU B 5 24.37 -5.02 -18.86
CA LEU B 5 23.76 -3.79 -18.33
C LEU B 5 22.51 -4.15 -17.55
N VAL B 6 22.18 -3.33 -16.54
CA VAL B 6 20.94 -3.44 -15.80
C VAL B 6 19.84 -2.65 -16.51
N LEU B 7 18.65 -3.20 -16.54
CA LEU B 7 17.54 -2.54 -17.24
C LEU B 7 16.35 -2.21 -16.30
N ASN B 8 16.17 -0.92 -16.09
CA ASN B 8 15.14 -0.32 -15.25
C ASN B 8 14.27 0.52 -16.22
N ALA B 9 12.97 0.34 -16.16
CA ALA B 9 12.02 1.16 -16.84
C ALA B 9 11.59 2.23 -15.87
N PHE B 10 11.60 3.45 -16.33
CA PHE B 10 11.46 4.59 -15.47
C PHE B 10 10.12 5.22 -15.74
N HIS B 11 9.08 4.84 -15.01
CA HIS B 11 7.73 5.34 -15.26
C HIS B 11 7.20 6.03 -14.04
N MET B 12 5.93 6.34 -14.02
CA MET B 12 5.26 7.04 -12.93
C MET B 12 3.78 6.81 -13.13
N ASN B 13 3.03 6.73 -12.04
CA ASN B 13 1.59 6.42 -12.09
C ASN B 13 0.74 7.63 -12.42
N THR B 14 0.80 8.02 -13.68
CA THR B 14 0.26 9.28 -14.11
C THR B 14 0.13 9.27 -15.63
N VAL B 15 -0.62 10.23 -16.12
CA VAL B 15 -0.91 10.40 -17.54
C VAL B 15 0.29 10.85 -18.41
N CYS B 16 1.25 11.61 -17.87
CA CYS B 16 2.37 12.11 -18.70
C CYS B 16 3.66 12.34 -17.93
N HIS B 17 4.34 11.25 -17.60
CA HIS B 17 5.59 11.23 -16.88
C HIS B 17 6.70 12.02 -17.55
N MET B 18 7.07 11.65 -18.75
CA MET B 18 8.09 12.33 -19.50
C MET B 18 7.56 12.83 -20.83
N TYR B 19 8.26 13.75 -21.49
CA TYR B 19 7.86 14.32 -22.79
C TYR B 19 6.51 14.95 -22.74
N ASP B 20 6.48 16.05 -22.06
CA ASP B 20 5.26 16.75 -21.64
C ASP B 20 4.48 17.08 -22.88
N GLY B 21 3.15 16.99 -22.76
CA GLY B 21 2.24 17.05 -23.94
C GLY B 21 2.07 15.71 -24.66
N GLY B 22 2.94 14.73 -24.36
CA GLY B 22 3.00 13.48 -25.10
C GLY B 22 1.71 12.66 -25.03
N TRP B 23 0.92 12.88 -23.98
CA TRP B 23 -0.38 12.21 -23.85
C TRP B 23 -1.32 12.50 -25.02
N ARG B 24 -1.14 13.63 -25.68
CA ARG B 24 -1.99 13.97 -26.78
C ARG B 24 -1.76 13.14 -28.04
N ASN B 25 -0.62 12.47 -28.16
CA ASN B 25 -0.35 11.64 -29.33
C ASN B 25 -1.51 10.59 -29.46
N PRO B 26 -2.27 10.60 -30.57
CA PRO B 26 -3.33 9.61 -30.83
C PRO B 26 -2.86 8.16 -30.71
N ALA B 27 -1.56 7.96 -30.99
CA ALA B 27 -0.94 6.65 -30.97
C ALA B 27 -0.55 6.17 -29.56
N ASP B 28 -0.60 7.08 -28.59
CA ASP B 28 -0.19 6.78 -27.24
C ASP B 28 -1.41 6.39 -26.39
N ARG B 29 -1.18 5.62 -25.33
CA ARG B 29 -2.26 5.24 -24.46
C ARG B 29 -2.12 5.56 -22.94
N GLN B 30 -1.22 6.46 -22.56
CA GLN B 30 -1.09 6.84 -21.16
C GLN B 30 -2.37 7.40 -20.47
N VAL B 31 -3.33 7.90 -21.27
CA VAL B 31 -4.62 8.29 -20.69
C VAL B 31 -5.29 7.09 -19.97
N GLU B 32 -4.81 5.88 -20.22
CA GLU B 32 -5.32 4.69 -19.57
C GLU B 32 -4.65 4.31 -18.24
N PHE B 33 -3.80 5.20 -17.70
CA PHE B 33 -2.95 4.96 -16.51
C PHE B 33 -3.68 4.57 -15.22
N ALA B 34 -4.92 4.98 -15.05
CA ALA B 34 -5.64 4.62 -13.83
C ALA B 34 -6.09 3.14 -13.76
N THR B 35 -6.05 2.46 -14.90
CA THR B 35 -6.48 1.05 -15.00
C THR B 35 -5.28 0.17 -14.76
N LEU B 36 -5.52 -1.00 -14.15
CA LEU B 36 -4.48 -1.99 -13.92
C LEU B 36 -4.04 -2.65 -15.23
N GLU B 37 -4.97 -2.75 -16.18
CA GLU B 37 -4.79 -3.50 -17.40
C GLU B 37 -3.65 -2.89 -18.26
N PHE B 38 -3.64 -1.58 -18.37
CA PHE B 38 -2.63 -0.85 -19.11
C PHE B 38 -1.27 -1.11 -18.53
N TRP B 39 -1.15 -0.98 -17.21
CA TRP B 39 0.13 -1.32 -16.55
C TRP B 39 0.49 -2.79 -16.64
N LYS B 40 -0.50 -3.68 -16.74
CA LYS B 40 -0.24 -5.12 -16.92
C LYS B 40 0.43 -5.31 -18.25
N GLU B 41 -0.11 -4.72 -19.31
CA GLU B 41 0.55 -4.78 -20.65
C GLU B 41 2.01 -4.30 -20.63
N VAL B 42 2.26 -3.12 -20.05
CA VAL B 42 3.63 -2.51 -19.91
C VAL B 42 4.63 -3.36 -19.11
N ALA B 43 4.24 -3.81 -17.91
CA ALA B 43 5.08 -4.70 -17.08
C ALA B 43 5.44 -6.04 -17.79
N GLN B 44 4.43 -6.67 -18.38
CA GLN B 44 4.61 -7.93 -19.14
C GLN B 44 5.55 -7.84 -20.33
N THR B 45 5.45 -6.75 -21.09
CA THR B 45 6.36 -6.44 -22.21
C THR B 45 7.77 -6.28 -21.67
N LEU B 46 7.92 -5.53 -20.57
CA LEU B 46 9.27 -5.35 -19.97
C LEU B 46 9.85 -6.67 -19.49
N GLU B 47 9.00 -7.57 -19.01
CA GLU B 47 9.46 -8.89 -18.57
C GLU B 47 9.72 -9.77 -19.73
N ARG B 48 9.05 -9.53 -20.83
CA ARG B 48 9.30 -10.27 -22.04
C ARG B 48 10.66 -9.90 -22.58
N GLY B 49 11.05 -8.66 -22.43
CA GLY B 49 12.43 -8.21 -22.82
C GLY B 49 13.54 -8.19 -21.76
N PHE B 50 13.29 -8.96 -20.69
CA PHE B 50 14.29 -9.30 -19.67
C PHE B 50 14.79 -8.15 -18.84
N PHE B 51 13.91 -7.18 -18.61
CA PHE B 51 14.22 -6.06 -17.72
C PHE B 51 14.45 -6.49 -16.27
N ASP B 52 15.44 -5.91 -15.62
CA ASP B 52 15.69 -6.22 -14.20
C ASP B 52 14.59 -5.70 -13.26
N SER B 53 14.09 -4.48 -13.51
CA SER B 53 12.97 -3.91 -12.78
C SER B 53 12.17 -2.84 -13.53
N LEU B 54 10.96 -2.61 -13.04
CA LEU B 54 10.11 -1.51 -13.46
C LEU B 54 9.94 -0.60 -12.24
N PHE B 55 10.16 0.70 -12.45
CA PHE B 55 10.18 1.72 -11.40
C PHE B 55 9.07 2.72 -11.56
N PHE B 56 8.37 3.00 -10.48
CA PHE B 56 7.38 4.07 -10.39
C PHE B 56 7.83 5.18 -9.38
N ALA B 57 8.05 6.33 -9.96
CA ALA B 57 8.30 7.57 -9.26
C ALA B 57 6.95 8.06 -8.75
N ASP B 58 6.96 8.96 -7.79
CA ASP B 58 5.72 9.42 -7.20
C ASP B 58 5.94 10.76 -6.58
N VAL B 59 4.90 11.57 -6.52
CA VAL B 59 4.95 12.87 -5.88
C VAL B 59 3.78 13.04 -4.93
N MET B 60 3.88 13.96 -3.98
CA MET B 60 2.84 14.19 -3.00
C MET B 60 2.23 15.58 -3.02
N GLY B 61 2.46 16.33 -4.08
CA GLY B 61 1.90 17.69 -4.23
C GLY B 61 1.91 18.15 -5.67
N THR B 62 1.21 19.23 -5.96
CA THR B 62 1.27 19.93 -7.27
C THR B 62 1.38 21.45 -7.01
N ASP B 63 2.27 22.12 -7.75
CA ASP B 63 2.63 23.51 -7.45
C ASP B 63 2.48 24.42 -8.66
N ALA B 64 1.87 25.59 -8.40
CA ALA B 64 1.71 26.63 -9.41
C ALA B 64 2.99 27.44 -9.54
N ALA B 65 3.98 26.86 -10.17
CA ALA B 65 5.25 27.52 -10.30
C ALA B 65 5.49 28.13 -11.66
N TYR B 66 4.47 28.21 -12.47
CA TYR B 66 4.57 28.78 -13.80
C TYR B 66 3.85 30.12 -13.80
N GLY B 67 3.79 30.80 -12.68
CA GLY B 67 3.14 32.08 -12.69
C GLY B 67 1.79 32.04 -12.06
N ASP B 68 1.04 33.08 -12.31
CA ASP B 68 -0.29 33.24 -11.77
C ASP B 68 -1.21 31.99 -11.85
N SER B 69 -1.22 31.29 -12.97
CA SER B 69 -2.10 30.16 -13.13
C SER B 69 -1.53 28.76 -13.04
N TRP B 70 -2.23 27.91 -12.31
CA TRP B 70 -1.91 26.52 -12.09
C TRP B 70 -2.50 25.72 -13.25
N ASP B 71 -3.45 26.33 -13.91
CA ASP B 71 -4.14 25.85 -15.07
C ASP B 71 -3.42 24.89 -15.98
N ILE B 72 -2.24 25.26 -16.43
CA ILE B 72 -1.49 24.43 -17.38
C ILE B 72 -1.19 23.00 -16.81
N TYR B 73 -1.07 22.87 -15.48
CA TYR B 73 -0.69 21.58 -14.89
C TYR B 73 -1.85 20.59 -15.00
N ALA B 74 -3.07 21.06 -14.76
CA ALA B 74 -4.29 20.34 -15.09
C ALA B 74 -4.58 20.11 -16.58
N GLU B 75 -4.53 21.15 -17.41
CA GLU B 75 -4.81 21.00 -18.87
C GLU B 75 -3.84 20.07 -19.62
N GLN B 76 -2.58 20.03 -19.16
CA GLN B 76 -1.59 19.18 -19.79
C GLN B 76 -1.20 17.96 -18.95
N GLY B 77 -1.86 17.77 -17.83
CA GLY B 77 -1.63 16.60 -17.01
C GLY B 77 -0.18 16.50 -16.60
N ILE B 78 0.36 17.57 -16.01
CA ILE B 78 1.79 17.69 -15.69
C ILE B 78 2.05 17.17 -14.26
N HIS B 79 2.42 15.90 -14.20
CA HIS B 79 2.57 15.15 -12.98
C HIS B 79 1.35 15.40 -12.08
N PHE B 80 0.18 15.42 -12.73
CA PHE B 80 -1.13 15.59 -12.09
C PHE B 80 -2.20 15.20 -13.13
N PRO B 81 -3.23 14.41 -12.76
CA PRO B 81 -3.30 13.64 -11.48
C PRO B 81 -2.13 12.70 -11.28
N MET B 82 -1.97 12.26 -10.04
CA MET B 82 -0.85 11.38 -9.60
C MET B 82 -1.41 10.30 -8.71
N HIS B 83 -1.28 9.05 -9.13
CA HIS B 83 -1.81 7.96 -8.27
C HIS B 83 -0.64 7.23 -7.56
N ASP B 84 -0.97 6.62 -6.45
CA ASP B 84 0.00 6.00 -5.53
C ASP B 84 0.88 4.98 -6.20
N ALA B 85 2.18 5.04 -6.00
CA ALA B 85 3.06 4.02 -6.66
C ALA B 85 3.06 2.63 -5.97
N ALA B 86 3.06 2.55 -4.62
CA ALA B 86 3.16 1.23 -3.95
C ALA B 86 1.92 0.36 -4.22
N SER B 87 0.74 0.96 -4.37
CA SER B 87 -0.47 0.17 -4.62
C SER B 87 -0.38 -0.57 -5.97
N LEU B 88 0.11 0.15 -6.97
CA LEU B 88 0.28 -0.32 -8.30
C LEU B 88 1.33 -1.42 -8.30
N VAL B 89 2.39 -1.28 -7.52
CA VAL B 89 3.48 -2.23 -7.50
C VAL B 89 2.95 -3.56 -7.00
N ALA B 90 2.13 -3.46 -5.97
CA ALA B 90 1.58 -4.62 -5.31
C ALA B 90 0.59 -5.35 -6.18
N ALA B 91 -0.23 -4.63 -6.93
CA ALA B 91 -1.26 -5.28 -7.79
C ALA B 91 -0.67 -5.81 -9.08
N LEU B 92 0.62 -5.58 -9.30
CA LEU B 92 1.42 -6.13 -10.38
C LEU B 92 2.23 -7.35 -9.99
N ILE B 93 2.38 -7.55 -8.66
CA ILE B 93 3.01 -8.75 -8.15
C ILE B 93 2.48 -9.96 -8.93
N PRO B 94 1.14 -10.17 -8.99
CA PRO B 94 0.65 -11.41 -9.59
C PRO B 94 0.77 -11.46 -11.09
N HIS B 95 0.84 -10.29 -11.78
CA HIS B 95 0.97 -10.22 -13.28
C HIS B 95 2.40 -10.37 -13.80
N THR B 96 3.35 -10.53 -12.90
CA THR B 96 4.77 -10.66 -13.24
C THR B 96 5.37 -11.81 -12.41
N GLU B 97 6.56 -12.25 -12.77
CA GLU B 97 7.21 -13.35 -12.08
C GLU B 97 8.61 -12.98 -11.59
N HIS B 98 9.46 -12.57 -12.53
CA HIS B 98 10.86 -12.26 -12.28
C HIS B 98 11.20 -10.78 -12.26
N LEU B 99 10.35 -9.92 -12.78
CA LEU B 99 10.64 -8.51 -12.92
C LEU B 99 10.66 -7.85 -11.56
N GLY B 100 11.70 -7.11 -11.28
CA GLY B 100 11.75 -6.31 -10.08
C GLY B 100 10.69 -5.24 -10.02
N LEU B 101 10.11 -4.98 -8.86
CA LEU B 101 9.13 -3.90 -8.83
C LEU B 101 9.52 -2.82 -7.85
N THR B 102 9.79 -1.63 -8.40
CA THR B 102 10.35 -0.54 -7.66
C THR B 102 9.46 0.68 -7.66
N PHE B 103 9.51 1.38 -6.53
CA PHE B 103 8.73 2.59 -6.34
C PHE B 103 9.42 3.62 -5.46
N SER B 104 9.09 4.88 -5.71
CA SER B 104 9.50 5.97 -4.82
C SER B 104 8.56 6.08 -3.67
N SER B 105 9.13 6.37 -2.49
CA SER B 105 8.31 6.82 -1.34
C SER B 105 9.08 7.89 -0.67
N SER B 106 8.40 8.93 -0.23
CA SER B 106 9.09 10.03 0.44
C SER B 106 9.10 9.87 1.95
N VAL B 107 10.13 10.45 2.57
CA VAL B 107 10.17 10.77 4.01
C VAL B 107 8.86 11.38 4.57
N ILE B 108 8.38 12.39 3.91
CA ILE B 108 7.23 13.14 4.40
C ILE B 108 5.94 12.31 4.40
N GLN B 109 5.74 11.42 3.44
CA GLN B 109 4.41 10.79 3.26
C GLN B 109 4.11 9.66 4.19
N ASP B 110 5.12 9.03 4.74
CA ASP B 110 4.86 7.88 5.56
C ASP B 110 5.86 7.82 6.69
N HIS B 111 5.35 7.79 7.93
CA HIS B 111 6.17 7.55 9.12
C HIS B 111 6.99 6.28 8.90
N PRO B 112 8.25 6.20 9.41
CA PRO B 112 9.10 5.13 8.93
C PRO B 112 8.78 3.75 9.50
N PHE B 113 8.09 3.65 10.64
CA PHE B 113 7.54 2.37 11.13
C PHE B 113 6.45 1.91 10.22
N SER B 114 5.50 2.75 9.93
CA SER B 114 4.47 2.39 8.94
C SER B 114 5.06 1.95 7.59
N PHE B 115 5.97 2.74 7.02
CA PHE B 115 6.61 2.36 5.73
C PHE B 115 7.37 1.06 5.81
N ALA B 116 7.99 0.79 6.97
CA ALA B 116 8.83 -0.38 7.18
C ALA B 116 7.96 -1.57 7.09
N LYS B 117 6.76 -1.46 7.62
CA LYS B 117 5.84 -2.62 7.64
C LYS B 117 5.31 -2.89 6.23
N ARG B 118 4.97 -1.85 5.48
CA ARG B 118 4.59 -2.02 4.06
C ARG B 118 5.71 -2.63 3.14
N ALA B 119 6.89 -2.04 3.07
CA ALA B 119 7.98 -2.66 2.33
C ALA B 119 8.20 -4.11 2.70
N SER B 120 8.31 -4.41 3.98
CA SER B 120 8.47 -5.80 4.46
C SER B 120 7.38 -6.71 3.90
N THR B 121 6.13 -6.30 4.02
CA THR B 121 5.02 -7.04 3.45
C THR B 121 5.19 -7.26 1.93
N LEU B 122 5.38 -6.23 1.15
CA LEU B 122 5.53 -6.39 -0.27
C LEU B 122 6.74 -7.22 -0.67
N ASP B 123 7.85 -7.03 0.04
CA ASP B 123 8.98 -7.97 -0.14
C ASP B 123 8.53 -9.47 0.10
N HIS B 124 7.91 -9.84 1.23
CA HIS B 124 7.35 -11.21 1.36
C HIS B 124 6.44 -11.58 0.15
N LEU B 125 5.54 -10.67 -0.26
CA LEU B 125 4.49 -10.97 -1.23
C LEU B 125 4.99 -11.08 -2.64
N SER B 126 6.11 -10.47 -2.92
CA SER B 126 6.67 -10.52 -4.23
C SER B 126 7.74 -11.58 -4.43
N GLY B 127 8.24 -12.12 -3.34
CA GLY B 127 9.32 -13.08 -3.38
C GLY B 127 10.69 -12.46 -3.47
N GLY B 128 10.84 -11.29 -2.88
CA GLY B 128 12.05 -10.54 -2.87
C GLY B 128 12.35 -9.75 -4.12
N ARG B 129 11.35 -9.19 -4.76
CA ARG B 129 11.54 -8.42 -5.97
C ARG B 129 11.37 -6.95 -5.81
N VAL B 130 11.14 -6.53 -4.58
CA VAL B 130 10.89 -5.16 -4.26
C VAL B 130 12.08 -4.22 -4.14
N GLY B 131 11.93 -3.04 -4.69
CA GLY B 131 12.94 -2.04 -4.59
C GLY B 131 12.31 -0.79 -4.09
N TRP B 132 13.13 0.06 -3.53
CA TRP B 132 12.67 1.33 -3.03
C TRP B 132 13.52 2.55 -3.36
N ASN B 133 12.97 3.50 -4.08
CA ASN B 133 13.64 4.77 -4.30
C ASN B 133 13.27 5.74 -3.15
N ILE B 134 14.33 6.22 -2.48
CA ILE B 134 14.25 7.00 -1.25
C ILE B 134 14.12 8.45 -1.70
N VAL B 135 13.03 9.14 -1.34
CA VAL B 135 12.86 10.53 -1.68
C VAL B 135 12.85 11.33 -0.37
N THR B 136 13.77 12.32 -0.30
CA THR B 136 13.93 13.22 0.91
C THR B 136 13.36 14.59 0.68
N GLY B 137 13.11 14.91 -0.59
CA GLY B 137 12.71 16.26 -1.02
C GLY B 137 11.22 16.40 -1.17
N GLY B 138 10.81 16.98 -2.30
CA GLY B 138 9.47 17.50 -2.43
C GLY B 138 9.35 18.99 -2.73
N THR B 139 8.13 19.47 -2.56
CA THR B 139 7.61 20.62 -3.25
C THR B 139 6.79 21.35 -2.19
N ILE B 140 6.53 22.64 -2.38
CA ILE B 140 5.84 23.43 -1.34
C ILE B 140 4.46 22.79 -1.01
N ASN B 141 3.73 22.40 -2.06
CA ASN B 141 2.37 21.88 -1.93
C ASN B 141 2.34 20.64 -1.08
N ALA B 142 3.33 19.76 -1.25
CA ALA B 142 3.46 18.48 -0.54
C ALA B 142 3.65 18.78 0.93
N SER B 143 4.49 19.77 1.24
CA SER B 143 4.66 20.17 2.64
C SER B 143 3.32 20.56 3.23
N GLN B 144 2.67 21.46 2.53
CA GLN B 144 1.36 21.94 2.95
C GLN B 144 0.28 20.86 2.98
N ASN B 145 0.42 19.80 2.19
CA ASN B 145 -0.49 18.63 2.30
C ASN B 145 -0.34 17.85 3.61
N PHE B 146 0.84 17.93 4.23
CA PHE B 146 1.11 17.33 5.55
C PHE B 146 1.26 18.36 6.69
N GLY B 147 0.62 19.52 6.56
CA GLY B 147 0.56 20.58 7.58
C GLY B 147 1.90 21.23 7.94
N TYR B 148 2.55 21.84 6.96
CA TYR B 148 3.83 22.52 7.14
C TYR B 148 3.77 23.81 6.34
N ASP B 149 4.14 24.94 6.97
CA ASP B 149 4.07 26.27 6.35
C ASP B 149 4.92 26.31 5.09
N SER B 150 6.16 25.85 5.21
CA SER B 150 7.10 25.83 4.10
C SER B 150 8.06 24.64 4.19
N LEU B 151 8.97 24.58 3.21
CA LEU B 151 9.96 23.50 3.12
C LEU B 151 10.90 23.47 4.32
N VAL B 152 11.46 22.29 4.55
CA VAL B 152 12.60 22.12 5.45
C VAL B 152 13.86 22.47 4.65
N PRO B 153 14.81 23.22 5.25
CA PRO B 153 15.99 23.65 4.46
C PRO B 153 16.86 22.47 3.93
N HIS B 154 17.56 22.68 2.81
CA HIS B 154 18.33 21.61 2.09
C HIS B 154 19.22 20.81 3.05
N ASP B 155 19.86 21.52 3.97
CA ASP B 155 20.66 20.89 5.03
C ASP B 155 19.84 19.79 5.75
N GLU B 156 18.75 20.22 6.40
CA GLU B 156 17.91 19.34 7.19
C GLU B 156 17.38 18.14 6.39
N ARG B 157 16.93 18.35 5.14
CA ARG B 157 16.36 17.25 4.30
C ARG B 157 17.12 15.92 4.43
N TYR B 158 18.46 16.00 4.33
CA TYR B 158 19.33 14.84 4.34
C TYR B 158 19.61 14.35 5.69
N ALA B 159 19.52 15.21 6.71
CA ALA B 159 19.69 14.75 8.10
C ALA B 159 18.47 13.94 8.56
N ILE B 160 17.29 14.44 8.20
CA ILE B 160 16.06 13.74 8.37
C ILE B 160 16.15 12.44 7.55
N GLY B 161 16.49 12.58 6.28
CA GLY B 161 16.86 11.48 5.45
C GLY B 161 17.63 10.43 6.22
N GLU B 162 18.78 10.79 6.79
CA GLU B 162 19.53 9.82 7.62
C GLU B 162 18.77 9.18 8.80
N GLU B 163 18.06 9.97 9.59
CA GLU B 163 17.43 9.32 10.76
C GLU B 163 16.37 8.30 10.29
N TYR B 164 15.67 8.63 9.20
CA TYR B 164 14.65 7.74 8.66
C TYR B 164 15.29 6.40 8.27
N MET B 165 16.46 6.45 7.63
CA MET B 165 17.12 5.20 7.21
C MET B 165 17.58 4.41 8.42
N GLU B 166 18.30 5.07 9.28
CA GLU B 166 18.57 4.48 10.59
C GLU B 166 17.32 3.71 11.21
N VAL B 167 16.18 4.39 11.42
CA VAL B 167 14.91 3.77 11.86
C VAL B 167 14.47 2.50 11.08
N VAL B 168 14.42 2.56 9.74
CA VAL B 168 14.02 1.40 8.98
C VAL B 168 15.05 0.26 8.99
N TYR B 169 16.35 0.56 9.01
CA TYR B 169 17.36 -0.49 9.20
C TYR B 169 17.30 -1.20 10.57
N LYS B 170 17.07 -0.45 11.64
CA LYS B 170 16.83 -1.08 12.93
C LYS B 170 15.65 -2.07 12.89
N LEU B 171 14.59 -1.66 12.22
CA LEU B 171 13.43 -2.51 12.14
C LEU B 171 13.64 -3.73 11.24
N TRP B 172 14.14 -3.51 10.02
CA TRP B 172 14.36 -4.55 9.02
C TRP B 172 15.53 -5.50 9.35
N GLU B 173 16.59 -4.96 9.94
CA GLU B 173 17.80 -5.72 10.23
C GLU B 173 18.04 -5.98 11.74
N GLY B 174 17.53 -5.14 12.63
CA GLY B 174 17.89 -5.33 14.03
C GLY B 174 16.89 -6.07 14.89
N SER B 175 15.61 -5.80 14.63
CA SER B 175 14.56 -6.13 15.58
C SER B 175 14.38 -7.63 15.74
N TRP B 176 14.46 -8.42 14.64
CA TRP B 176 14.43 -9.90 14.65
C TRP B 176 15.73 -10.53 14.24
N ASP B 177 16.30 -11.37 15.09
CA ASP B 177 17.61 -12.02 14.78
C ASP B 177 17.54 -13.34 13.98
N GLU B 178 18.69 -13.98 13.75
CA GLU B 178 18.84 -14.90 12.64
C GLU B 178 17.98 -16.18 12.70
N GLY B 179 17.58 -16.67 13.88
CA GLY B 179 16.65 -17.88 13.91
C GLY B 179 15.31 -17.63 14.63
N ALA B 180 14.72 -16.45 14.44
CA ALA B 180 13.57 -16.05 15.22
C ALA B 180 12.31 -16.81 14.83
N LEU B 181 12.16 -17.13 13.55
CA LEU B 181 11.00 -17.90 13.08
C LEU B 181 11.27 -19.38 13.46
N VAL B 182 10.46 -19.94 14.33
CA VAL B 182 10.61 -21.35 14.71
C VAL B 182 9.52 -22.18 14.01
N ALA B 183 8.25 -21.81 14.19
CA ALA B 183 7.08 -22.42 13.52
C ALA B 183 6.93 -23.92 13.64
N ASP B 184 7.47 -24.48 14.72
CA ASP B 184 7.25 -25.87 15.11
C ASP B 184 5.93 -26.01 15.93
N LYS B 185 4.92 -26.63 15.26
CA LYS B 185 3.59 -26.95 15.81
C LYS B 185 3.56 -28.01 16.94
N THR B 186 4.36 -29.06 16.75
CA THR B 186 4.48 -30.14 17.72
C THR B 186 4.99 -29.55 19.01
N LYS B 187 6.07 -28.79 18.87
CA LYS B 187 6.70 -28.08 19.99
C LYS B 187 5.92 -26.83 20.44
N GLY B 188 5.13 -26.20 19.56
CA GLY B 188 4.28 -25.07 19.96
C GLY B 188 5.03 -23.79 20.21
N ILE B 189 6.01 -23.49 19.36
CA ILE B 189 6.78 -22.24 19.43
C ILE B 189 6.80 -21.60 18.03
N TYR B 190 6.02 -20.53 17.85
CA TYR B 190 5.90 -19.94 16.53
C TYR B 190 7.14 -19.10 16.28
N ALA B 191 7.39 -18.12 17.13
CA ALA B 191 8.61 -17.33 17.04
C ALA B 191 9.29 -17.22 18.40
N ASP B 192 10.62 -17.04 18.40
CA ASP B 192 11.45 -17.13 19.60
C ASP B 192 11.56 -15.76 20.24
N PRO B 193 10.87 -15.54 21.38
CA PRO B 193 10.82 -14.16 21.92
C PRO B 193 12.20 -13.58 22.30
N SER B 194 13.16 -14.46 22.57
CA SER B 194 14.52 -14.03 22.92
C SER B 194 15.28 -13.49 21.74
N LYS B 195 14.74 -13.68 20.54
CA LYS B 195 15.40 -13.27 19.30
C LYS B 195 14.71 -12.08 18.62
N ILE B 196 13.65 -11.55 19.25
CA ILE B 196 12.86 -10.44 18.71
C ILE B 196 12.95 -9.36 19.77
N HIS B 197 13.10 -8.11 19.35
CA HIS B 197 13.47 -6.99 20.23
C HIS B 197 12.77 -5.69 19.85
N LYS B 198 12.48 -4.85 20.83
CA LYS B 198 12.20 -3.45 20.53
C LYS B 198 13.46 -2.79 20.00
N ILE B 199 13.30 -1.69 19.29
CA ILE B 199 14.46 -0.92 18.81
C ILE B 199 14.76 0.30 19.69
N ASN B 200 13.74 0.86 20.34
CA ASN B 200 13.90 1.98 21.25
C ASN B 200 14.79 3.02 20.62
N HIS B 201 14.35 3.45 19.44
CA HIS B 201 15.02 4.50 18.74
C HIS B 201 14.51 5.87 19.22
N ARG B 202 15.43 6.77 19.42
CA ARG B 202 15.16 8.12 19.84
C ARG B 202 16.12 9.11 19.22
N GLY B 203 15.66 9.99 18.37
CA GLY B 203 16.50 11.03 17.78
C GLY B 203 15.76 12.34 17.52
N GLU B 204 16.33 13.21 16.70
CA GLU B 204 15.73 14.51 16.51
C GLU B 204 14.25 14.42 16.07
N ARG B 205 13.97 13.55 15.11
CA ARG B 205 12.69 13.54 14.42
C ARG B 205 11.81 12.40 14.85
N TYR B 206 12.38 11.30 15.31
CA TYR B 206 11.58 10.11 15.46
C TYR B 206 11.85 9.44 16.78
N ARG B 207 10.80 8.87 17.37
CA ARG B 207 10.85 8.05 18.62
C ARG B 207 10.04 6.79 18.31
N VAL B 208 10.72 5.68 18.19
CA VAL B 208 10.05 4.48 17.78
C VAL B 208 10.43 3.32 18.63
N ALA B 209 9.48 2.78 19.35
CA ALA B 209 9.78 1.69 20.21
C ALA B 209 10.11 0.37 19.54
N GLY B 210 9.25 0.00 18.61
CA GLY B 210 9.42 -1.27 18.00
C GLY B 210 8.70 -2.28 18.86
N PRO B 211 8.92 -3.54 18.57
CA PRO B 211 9.66 -4.11 17.48
C PRO B 211 8.96 -4.06 16.17
N HIS B 212 9.66 -4.48 15.13
CA HIS B 212 9.14 -4.55 13.82
C HIS B 212 8.09 -5.64 13.85
N LEU B 213 6.97 -5.41 13.21
CA LEU B 213 5.90 -6.42 13.22
C LEU B 213 6.03 -7.59 12.26
N THR B 214 6.80 -7.49 11.19
CA THR B 214 6.84 -8.50 10.16
C THR B 214 7.91 -9.51 10.44
N LEU B 215 7.69 -10.72 9.94
CA LEU B 215 8.73 -11.71 9.72
C LEU B 215 9.87 -11.11 8.89
N PRO B 216 11.10 -11.56 9.13
CA PRO B 216 12.13 -11.18 8.19
C PRO B 216 11.77 -11.62 6.74
N SER B 217 11.90 -10.70 5.79
CA SER B 217 11.59 -10.95 4.36
C SER B 217 12.79 -11.50 3.57
N PRO B 218 12.61 -11.87 2.31
CA PRO B 218 13.78 -12.47 1.64
C PRO B 218 15.00 -11.57 1.57
N GLN B 219 14.76 -10.29 1.33
CA GLN B 219 15.80 -9.30 1.27
C GLN B 219 15.96 -8.53 2.55
N ARG B 220 14.98 -8.62 3.47
CA ARG B 220 14.92 -7.83 4.69
C ARG B 220 14.74 -6.35 4.41
N THR B 221 15.78 -5.73 3.84
CA THR B 221 15.84 -4.31 3.40
C THR B 221 15.60 -4.30 1.92
N PRO B 222 14.57 -3.60 1.44
CA PRO B 222 14.41 -3.59 0.02
C PRO B 222 15.62 -3.10 -0.79
N PHE B 223 15.61 -3.46 -2.08
CA PHE B 223 16.61 -2.99 -3.02
C PHE B 223 16.57 -1.50 -3.08
N LEU B 224 17.72 -0.90 -2.78
CA LEU B 224 17.78 0.56 -2.63
C LEU B 224 18.27 1.29 -3.89
N PHE B 225 17.42 2.23 -4.40
CA PHE B 225 17.76 3.25 -5.44
C PHE B 225 17.82 4.64 -4.80
N GLN B 226 18.53 5.58 -5.40
CA GLN B 226 18.52 6.96 -4.90
C GLN B 226 18.89 7.88 -6.08
N ALA B 227 18.32 9.09 -6.13
CA ALA B 227 18.53 10.06 -7.23
C ALA B 227 18.97 11.42 -6.69
N GLY B 228 19.77 11.40 -5.63
CA GLY B 228 20.39 12.61 -5.15
C GLY B 228 21.29 13.09 -6.27
N ALA B 229 20.95 14.24 -6.87
CA ALA B 229 21.77 14.88 -7.93
C ALA B 229 22.80 15.88 -7.38
N SER B 230 22.45 16.55 -6.28
CA SER B 230 23.34 17.48 -5.58
C SER B 230 24.45 16.80 -4.77
N THR B 231 25.35 17.63 -4.25
CA THR B 231 26.41 17.23 -3.31
C THR B 231 25.92 16.29 -2.18
N ALA B 232 25.02 16.75 -1.31
CA ALA B 232 24.45 15.92 -0.24
C ALA B 232 23.74 14.67 -0.78
N GLY B 233 23.16 14.80 -1.98
CA GLY B 233 22.49 13.72 -2.68
C GLY B 233 23.42 12.60 -3.07
N ARG B 234 24.49 12.96 -3.80
CA ARG B 234 25.50 11.98 -4.22
C ARG B 234 26.12 11.30 -2.99
N ALA B 235 26.41 12.09 -1.96
CA ALA B 235 26.94 11.53 -0.74
C ALA B 235 25.98 10.48 -0.07
N PHE B 236 24.71 10.86 0.10
CA PHE B 236 23.66 9.98 0.64
C PHE B 236 23.48 8.71 -0.24
N ALA B 237 23.48 8.91 -1.56
CA ALA B 237 23.51 7.81 -2.49
C ALA B 237 24.73 6.94 -2.23
N SER B 238 25.89 7.54 -1.96
CA SER B 238 27.09 6.72 -1.76
C SER B 238 27.00 5.92 -0.48
N ARG B 239 26.42 6.43 0.59
CA ARG B 239 26.26 5.69 1.81
C ARG B 239 25.21 4.57 1.73
N HIS B 240 24.14 4.84 1.01
CA HIS B 240 22.93 3.97 0.99
C HIS B 240 22.59 3.18 -0.26
N ALA B 241 22.82 3.75 -1.42
CA ALA B 241 22.24 3.20 -2.66
C ALA B 241 22.92 1.92 -3.19
N GLU B 242 22.17 1.09 -3.88
CA GLU B 242 22.69 -0.06 -4.66
C GLU B 242 22.65 0.37 -6.17
N ALA B 243 21.68 1.17 -6.57
CA ALA B 243 21.78 1.84 -7.84
C ALA B 243 21.46 3.34 -7.67
N THR B 244 22.19 4.18 -8.32
CA THR B 244 21.91 5.58 -8.23
C THR B 244 21.42 6.02 -9.58
N LEU B 245 20.28 6.70 -9.60
CA LEU B 245 19.66 7.08 -10.86
C LEU B 245 20.29 8.42 -11.15
N VAL B 246 21.14 8.47 -12.15
CA VAL B 246 21.83 9.64 -12.53
C VAL B 246 21.43 10.18 -13.89
N LEU B 247 21.90 11.38 -14.17
CA LEU B 247 21.65 12.01 -15.43
C LEU B 247 22.82 12.73 -16.04
N CYS B 248 23.77 12.00 -16.59
CA CYS B 248 24.91 12.60 -17.23
C CYS B 248 24.57 13.00 -18.66
N LEU B 249 25.02 14.14 -19.12
CA LEU B 249 24.67 14.55 -20.47
C LEU B 249 25.43 13.93 -21.63
N THR B 250 26.52 13.27 -21.35
CA THR B 250 27.40 12.63 -22.36
C THR B 250 28.19 11.48 -21.74
N PRO B 251 28.79 10.63 -22.59
CA PRO B 251 29.75 9.68 -22.07
C PRO B 251 30.99 10.27 -21.35
N ASP B 252 31.60 11.36 -21.81
CA ASP B 252 32.76 11.95 -21.10
C ASP B 252 32.33 12.36 -19.72
N SER B 253 31.15 12.94 -19.63
CA SER B 253 30.54 13.41 -18.41
C SER B 253 30.19 12.24 -17.44
N MET B 254 29.89 11.05 -17.98
CA MET B 254 29.58 9.86 -17.15
C MET B 254 30.85 9.41 -16.46
N ARG B 255 31.92 9.37 -17.24
CA ARG B 255 33.26 9.01 -16.72
C ARG B 255 33.66 9.86 -15.56
N VAL B 256 33.33 11.15 -15.60
CA VAL B 256 33.60 12.06 -14.49
C VAL B 256 32.72 11.77 -13.29
N ALA B 257 31.42 11.61 -13.51
CA ALA B 257 30.49 11.27 -12.40
C ALA B 257 30.82 9.90 -11.78
N TYR B 258 31.25 8.93 -12.59
CA TYR B 258 31.69 7.62 -12.09
C TYR B 258 32.90 7.72 -11.15
N LYS B 259 33.91 8.44 -11.63
CA LYS B 259 35.18 8.59 -10.95
C LYS B 259 34.93 9.28 -9.61
N GLN B 260 34.12 10.33 -9.62
CA GLN B 260 33.69 11.05 -8.40
C GLN B 260 32.98 10.09 -7.42
N MET B 261 32.06 9.29 -7.94
CA MET B 261 31.29 8.37 -7.13
C MET B 261 32.16 7.26 -6.53
N GLN B 262 33.21 6.84 -7.23
CA GLN B 262 34.17 5.87 -6.69
C GLN B 262 34.90 6.37 -5.40
N GLU B 263 35.26 7.66 -5.39
CA GLU B 263 35.86 8.35 -4.20
C GLU B 263 34.88 8.37 -3.03
N LEU B 264 33.64 8.78 -3.29
CA LEU B 264 32.60 8.80 -2.26
C LEU B 264 32.38 7.41 -1.59
N LEU B 265 32.37 6.35 -2.40
CA LEU B 265 32.27 4.97 -1.90
C LEU B 265 33.44 4.53 -0.99
N ALA B 266 34.63 4.95 -1.37
CA ALA B 266 35.84 4.69 -0.57
C ALA B 266 35.68 5.38 0.75
N ALA B 267 35.35 6.66 0.74
CA ALA B 267 35.04 7.42 1.97
C ALA B 267 33.93 6.76 2.81
N ALA B 268 32.92 6.20 2.14
CA ALA B 268 31.83 5.45 2.82
C ALA B 268 32.22 4.12 3.40
N GLY B 269 33.43 3.67 3.11
CA GLY B 269 33.85 2.30 3.43
C GLY B 269 33.15 1.22 2.62
N ARG B 270 32.63 1.58 1.44
CA ARG B 270 32.01 0.61 0.59
C ARG B 270 32.94 0.22 -0.51
N ALA B 271 32.50 -0.69 -1.36
CA ALA B 271 33.38 -1.19 -2.40
C ALA B 271 33.10 -0.52 -3.72
N SER B 272 34.09 -0.47 -4.57
CA SER B 272 33.93 0.13 -5.91
C SER B 272 32.77 -0.49 -6.78
N ASP B 273 32.46 -1.78 -6.59
CA ASP B 273 31.39 -2.44 -7.35
C ASP B 273 30.08 -2.54 -6.56
N ASP B 274 29.93 -1.75 -5.49
CA ASP B 274 28.76 -1.87 -4.57
C ASP B 274 27.56 -1.04 -5.03
N LEU B 275 27.71 -0.29 -6.11
CA LEU B 275 26.74 0.73 -6.47
C LEU B 275 26.83 0.89 -7.94
N LEU B 276 25.73 0.67 -8.65
CA LEU B 276 25.66 0.85 -10.14
C LEU B 276 25.20 2.27 -10.47
N MET B 277 25.84 2.90 -11.42
CA MET B 277 25.37 4.18 -11.97
C MET B 277 24.30 3.83 -13.04
N VAL B 278 23.04 4.23 -12.82
CA VAL B 278 21.94 3.93 -13.75
C VAL B 278 21.55 5.23 -14.53
N GLN B 279 21.83 5.28 -15.83
CA GLN B 279 21.73 6.53 -16.60
C GLN B 279 20.35 6.65 -17.24
N GLY B 280 19.83 7.87 -17.24
CA GLY B 280 18.51 8.15 -17.82
C GLY B 280 18.50 8.31 -19.35
N MET B 281 17.66 7.52 -20.00
CA MET B 281 17.62 7.45 -21.40
C MET B 281 16.23 7.17 -21.92
N SER B 282 16.09 7.36 -23.23
CA SER B 282 14.88 7.03 -23.95
C SER B 282 15.34 6.78 -25.36
N PHE B 283 14.47 6.11 -26.08
CA PHE B 283 14.85 5.52 -27.36
C PHE B 283 13.74 5.67 -28.40
N ILE B 284 14.09 6.09 -29.61
CA ILE B 284 13.22 5.87 -30.75
C ILE B 284 14.01 4.99 -31.72
N VAL B 285 13.40 3.90 -32.18
CA VAL B 285 14.17 2.91 -32.93
C VAL B 285 13.47 2.53 -34.20
N GLY B 286 14.26 2.26 -35.25
CA GLY B 286 13.74 1.83 -36.57
C GLY B 286 14.75 0.98 -37.27
N SER B 287 14.35 0.25 -38.31
CA SER B 287 15.26 -0.54 -39.18
C SER B 287 16.24 0.25 -40.11
N THR B 288 15.88 1.50 -40.39
CA THR B 288 16.78 2.41 -41.05
C THR B 288 16.84 3.64 -40.16
N GLU B 289 17.97 4.35 -40.30
CA GLU B 289 18.12 5.67 -39.74
C GLU B 289 16.94 6.52 -40.11
N GLU B 290 16.49 6.39 -41.37
CA GLU B 290 15.35 7.19 -41.86
C GLU B 290 14.00 6.83 -41.19
N GLU B 291 13.74 5.56 -40.94
CA GLU B 291 12.53 5.21 -40.17
C GLU B 291 12.58 5.85 -38.77
N ALA B 292 13.70 5.64 -38.06
CA ALA B 292 13.80 6.14 -36.68
C ALA B 292 13.58 7.64 -36.60
N ARG B 293 14.21 8.35 -37.53
CA ARG B 293 14.08 9.81 -37.66
C ARG B 293 12.62 10.22 -37.91
N ARG B 294 11.91 9.47 -38.78
CA ARG B 294 10.47 9.73 -38.99
C ARG B 294 9.63 9.53 -37.73
N LYS B 295 9.86 8.43 -37.00
CA LYS B 295 9.21 8.20 -35.68
C LYS B 295 9.44 9.38 -34.73
N ALA B 296 10.68 9.84 -34.65
CA ALA B 296 10.99 11.03 -33.85
C ALA B 296 10.14 12.24 -34.23
N GLU B 297 10.08 12.55 -35.53
CA GLU B 297 9.31 13.74 -36.00
C GLU B 297 7.86 13.59 -35.67
N GLU B 298 7.29 12.41 -35.94
CA GLU B 298 5.85 12.17 -35.63
C GLU B 298 5.57 12.43 -34.16
N GLN B 299 6.41 11.87 -33.28
CA GLN B 299 6.18 12.04 -31.84
C GLN B 299 6.42 13.43 -31.35
N ASP B 300 7.43 14.11 -31.89
CA ASP B 300 7.80 15.44 -31.40
C ASP B 300 6.77 16.55 -31.72
N GLN B 301 5.89 16.32 -32.70
CA GLN B 301 4.68 17.13 -32.87
C GLN B 301 3.95 17.33 -31.56
N TYR B 302 3.91 16.32 -30.70
CA TYR B 302 3.15 16.38 -29.46
C TYR B 302 3.95 16.91 -28.28
N LEU B 303 5.20 17.28 -28.48
CA LEU B 303 6.05 17.87 -27.43
C LEU B 303 5.67 19.36 -27.19
N ASP B 304 5.00 19.63 -26.06
CA ASP B 304 4.40 20.93 -25.71
C ASP B 304 5.45 21.64 -24.88
N VAL B 305 6.09 22.63 -25.48
CA VAL B 305 7.25 23.33 -24.86
C VAL B 305 6.88 24.18 -23.61
N ASP B 306 5.65 24.70 -23.56
CA ASP B 306 5.19 25.43 -22.35
C ASP B 306 5.04 24.51 -21.15
N ALA B 307 4.37 23.37 -21.37
CA ALA B 307 4.25 22.29 -20.36
C ALA B 307 5.61 21.88 -19.83
N LEU B 308 6.58 21.66 -20.71
CA LEU B 308 7.94 21.34 -20.29
C LEU B 308 8.48 22.41 -19.37
N ALA B 309 8.43 23.66 -19.81
CA ALA B 309 8.92 24.81 -18.98
C ALA B 309 8.23 24.85 -17.59
N ALA B 310 6.90 24.73 -17.63
CA ALA B 310 6.09 24.54 -16.42
C ALA B 310 6.55 23.38 -15.50
N ARG B 311 7.05 22.28 -16.06
CA ARG B 311 7.62 21.22 -15.22
C ARG B 311 8.98 21.57 -14.63
N VAL B 312 9.84 22.21 -15.44
CA VAL B 312 11.20 22.58 -15.01
C VAL B 312 11.10 23.53 -13.82
N SER B 313 10.15 24.45 -13.96
CA SER B 313 9.87 25.45 -12.96
C SER B 313 9.57 24.80 -11.60
N ARG B 314 8.61 23.89 -11.57
CA ARG B 314 8.29 23.11 -10.36
C ARG B 314 9.57 22.44 -9.81
N ASP B 315 10.26 21.66 -10.64
CA ASP B 315 11.50 20.96 -10.22
C ASP B 315 12.61 21.92 -9.68
N LEU B 316 12.70 23.13 -10.23
CA LEU B 316 13.77 24.09 -9.88
C LEU B 316 13.43 25.20 -8.83
N GLY B 317 12.16 25.60 -8.71
CA GLY B 317 11.75 26.76 -7.87
C GLY B 317 11.84 28.14 -8.56
N VAL B 318 11.92 28.09 -9.89
CA VAL B 318 12.07 29.27 -10.77
C VAL B 318 10.83 29.38 -11.68
N ASP B 319 10.35 30.59 -11.88
CA ASP B 319 9.29 30.87 -12.87
C ASP B 319 9.95 31.05 -14.26
N LEU B 320 9.37 30.41 -15.28
CA LEU B 320 9.91 30.45 -16.65
C LEU B 320 8.87 30.87 -17.68
N SER B 321 7.78 31.49 -17.22
CA SER B 321 6.62 31.88 -18.06
C SER B 321 6.98 32.95 -19.08
N GLY B 322 7.80 33.92 -18.63
CA GLY B 322 8.37 34.95 -19.50
C GLY B 322 9.57 34.52 -20.34
N ALA B 323 9.85 33.22 -20.42
CA ALA B 323 10.90 32.63 -21.28
C ALA B 323 10.35 31.89 -22.52
N ASP B 324 10.53 32.47 -23.70
CA ASP B 324 10.09 31.85 -24.97
C ASP B 324 11.02 30.69 -25.35
N ALA B 325 10.62 29.84 -26.27
CA ALA B 325 11.42 28.67 -26.62
C ALA B 325 12.92 28.83 -26.82
N ASP B 326 13.35 29.88 -27.52
CA ASP B 326 14.77 30.06 -27.83
C ASP B 326 15.67 30.93 -26.94
N GLN B 327 15.19 31.33 -25.78
CA GLN B 327 15.99 32.12 -24.83
C GLN B 327 17.13 31.31 -24.21
N PRO B 328 18.39 31.82 -24.26
CA PRO B 328 19.48 31.09 -23.59
C PRO B 328 19.30 30.99 -22.03
N LEU B 329 19.48 29.80 -21.46
CA LEU B 329 19.23 29.54 -20.02
C LEU B 329 20.12 30.30 -19.06
N ASP B 330 21.33 30.61 -19.51
CA ASP B 330 22.23 31.54 -18.79
C ASP B 330 21.77 33.04 -18.71
N THR B 331 20.98 33.53 -19.68
CA THR B 331 20.34 34.87 -19.59
C THR B 331 19.20 34.94 -18.57
N ILE B 332 18.72 33.79 -18.10
CA ILE B 332 17.79 33.74 -16.99
C ILE B 332 18.72 33.84 -15.77
N GLN B 333 18.35 34.69 -14.80
CA GLN B 333 19.20 35.04 -13.65
C GLN B 333 18.89 34.26 -12.35
N THR B 334 19.36 33.02 -12.29
CA THR B 334 19.24 32.19 -11.08
C THR B 334 20.39 31.18 -11.03
N GLU B 335 20.76 30.74 -9.84
CA GLU B 335 21.77 29.68 -9.69
C GLU B 335 21.28 28.36 -10.30
N ALA B 336 19.99 28.08 -10.09
CA ALA B 336 19.30 26.94 -10.69
C ALA B 336 19.52 26.88 -12.22
N THR B 337 19.09 27.95 -12.88
CA THR B 337 19.02 28.03 -14.35
C THR B 337 20.37 28.30 -15.06
N GLN B 338 21.37 28.74 -14.29
CA GLN B 338 22.76 28.92 -14.78
C GLN B 338 23.67 27.74 -14.45
N GLY B 339 23.36 27.03 -13.35
CA GLY B 339 23.98 25.75 -13.02
C GLY B 339 23.72 24.71 -14.09
N ILE B 340 22.47 24.62 -14.55
CA ILE B 340 22.04 23.69 -15.63
C ILE B 340 22.23 24.17 -17.09
N ALA B 341 22.73 25.39 -17.30
CA ALA B 341 23.27 25.80 -18.59
C ALA B 341 24.73 25.37 -18.70
N LYS B 342 25.48 25.49 -17.61
CA LYS B 342 26.87 24.98 -17.52
C LYS B 342 26.91 23.50 -17.86
N LEU B 343 25.96 22.74 -17.27
CA LEU B 343 25.93 21.27 -17.42
C LEU B 343 25.55 20.87 -18.85
N MET B 344 24.60 21.61 -19.44
CA MET B 344 23.89 21.27 -20.70
C MET B 344 24.64 21.55 -22.00
N MET B 345 25.82 22.14 -21.86
CA MET B 345 26.46 22.82 -22.96
C MET B 345 27.15 21.88 -23.97
N GLU B 346 27.69 20.75 -23.50
CA GLU B 346 28.33 19.77 -24.41
C GLU B 346 27.27 18.96 -25.19
N ALA B 347 26.13 18.68 -24.55
CA ALA B 347 25.04 17.90 -25.20
C ALA B 347 24.20 18.69 -26.23
N VAL B 348 24.07 20.01 -26.06
CA VAL B 348 23.35 20.84 -27.05
C VAL B 348 24.23 20.98 -28.32
N PRO B 349 23.69 20.59 -29.52
CA PRO B 349 24.51 20.72 -30.75
C PRO B 349 24.96 22.17 -31.12
N ASP B 350 24.09 23.16 -30.92
CA ASP B 350 24.43 24.55 -31.20
C ASP B 350 25.32 25.23 -30.15
N GLY B 351 25.59 24.56 -29.02
CA GLY B 351 26.49 25.08 -27.98
C GLY B 351 25.89 25.99 -26.90
N ARG B 352 24.84 26.74 -27.25
CA ARG B 352 24.21 27.73 -26.36
C ARG B 352 22.95 27.08 -25.73
N PRO B 353 23.03 26.52 -24.48
CA PRO B 353 21.81 25.91 -23.87
C PRO B 353 20.60 26.86 -23.78
N LYS B 354 19.45 26.39 -24.24
CA LYS B 354 18.23 27.17 -24.30
C LYS B 354 17.11 26.34 -23.72
N VAL B 355 15.90 26.91 -23.65
CA VAL B 355 14.74 26.26 -23.02
C VAL B 355 14.13 25.16 -23.92
N LYS B 356 14.15 25.36 -25.25
CA LYS B 356 13.82 24.30 -26.23
C LYS B 356 14.50 22.93 -25.97
N ASP B 357 15.70 22.98 -25.37
CA ASP B 357 16.54 21.80 -25.07
C ASP B 357 16.31 21.18 -23.68
N LEU B 358 15.28 21.59 -22.97
CA LEU B 358 15.08 21.12 -21.60
C LEU B 358 14.68 19.64 -21.38
N PRO B 359 14.27 18.90 -22.45
CA PRO B 359 14.05 17.46 -22.19
C PRO B 359 15.31 16.75 -21.72
N LEU B 360 16.46 17.26 -22.17
CA LEU B 360 17.77 16.80 -21.73
C LEU B 360 17.99 16.79 -20.22
N LEU B 361 17.33 17.67 -19.45
CA LEU B 361 17.46 17.60 -17.99
C LEU B 361 16.98 16.26 -17.40
N TYR B 362 16.09 15.57 -18.12
CA TYR B 362 15.39 14.42 -17.58
C TYR B 362 15.74 13.10 -18.21
N SER B 363 15.93 13.02 -19.52
CA SER B 363 16.60 11.86 -20.15
C SER B 363 17.30 12.25 -21.40
N ILE B 364 18.28 11.42 -21.76
CA ILE B 364 18.97 11.47 -23.04
C ILE B 364 18.23 10.54 -24.02
N ARG B 365 17.79 11.09 -25.14
CA ARG B 365 17.16 10.29 -26.15
C ARG B 365 18.18 9.89 -27.24
N ILE B 366 18.36 8.60 -27.49
CA ILE B 366 19.09 8.15 -28.66
C ILE B 366 18.03 7.67 -29.65
N VAL B 367 18.18 8.12 -30.90
CA VAL B 367 17.33 7.75 -32.00
C VAL B 367 18.19 6.97 -32.96
N GLY B 368 17.68 5.91 -33.56
CA GLY B 368 18.48 5.16 -34.54
C GLY B 368 17.98 3.76 -34.86
N THR B 369 18.90 2.98 -35.39
CA THR B 369 18.72 1.59 -35.60
C THR B 369 19.18 0.84 -34.38
N PRO B 370 18.80 -0.44 -34.28
CA PRO B 370 19.32 -1.26 -33.21
C PRO B 370 20.83 -1.22 -33.08
N GLU B 371 21.52 -1.15 -34.21
CA GLU B 371 22.98 -1.29 -34.26
C GLU B 371 23.65 0.03 -33.79
N THR B 372 23.11 1.14 -34.25
CA THR B 372 23.49 2.47 -33.84
C THR B 372 23.24 2.71 -32.36
N ILE B 373 22.02 2.42 -31.93
CA ILE B 373 21.70 2.57 -30.52
C ILE B 373 22.67 1.72 -29.68
N ALA B 374 22.97 0.48 -30.10
CA ALA B 374 23.86 -0.38 -29.32
C ALA B 374 25.31 0.13 -29.30
N ASP B 375 25.85 0.56 -30.47
CA ASP B 375 27.19 1.15 -30.53
C ASP B 375 27.33 2.28 -29.52
N GLU B 376 26.32 3.11 -29.44
CA GLU B 376 26.37 4.30 -28.64
C GLU B 376 26.19 4.00 -27.12
N LEU B 377 25.46 2.93 -26.81
CA LEU B 377 25.31 2.43 -25.44
C LEU B 377 26.60 1.81 -24.96
N THR B 378 27.36 1.28 -25.93
CA THR B 378 28.70 0.75 -25.66
C THR B 378 29.66 1.86 -25.18
N GLU B 379 29.56 3.07 -25.74
CA GLU B 379 30.39 4.19 -25.31
C GLU B 379 30.05 4.58 -23.86
N TRP B 380 28.76 4.62 -23.56
CA TRP B 380 28.30 4.99 -22.21
C TRP B 380 28.72 3.92 -21.17
N ARG B 381 28.47 2.65 -21.47
CA ARG B 381 28.92 1.56 -20.61
C ARG B 381 30.49 1.54 -20.35
N ASP B 382 31.32 1.85 -21.36
CA ASP B 382 32.78 2.00 -21.12
C ASP B 382 33.11 3.30 -20.28
N ALA B 383 32.27 4.31 -20.35
CA ALA B 383 32.36 5.41 -19.38
C ALA B 383 31.90 5.06 -17.95
N GLY B 384 31.43 3.83 -17.68
CA GLY B 384 31.04 3.38 -16.31
C GLY B 384 29.53 3.30 -15.98
N MET B 385 28.68 3.50 -16.98
CA MET B 385 27.26 3.21 -16.87
C MET B 385 27.02 1.71 -16.56
N GLY B 386 26.32 1.45 -15.46
CA GLY B 386 25.97 0.10 -15.02
C GLY B 386 24.55 -0.30 -15.42
N GLY B 387 23.70 0.69 -15.66
CA GLY B 387 22.34 0.45 -15.98
C GLY B 387 21.75 1.54 -16.82
N ILE B 388 20.62 1.22 -17.43
CA ILE B 388 19.78 2.16 -18.13
C ILE B 388 18.50 2.38 -17.36
N ASN B 389 18.22 3.67 -17.08
CA ASN B 389 16.99 4.14 -16.57
C ASN B 389 16.03 4.64 -17.67
N MET B 390 15.21 3.75 -18.21
CA MET B 390 14.50 4.04 -19.46
C MET B 390 13.11 4.70 -19.30
N ALA B 391 12.95 5.94 -19.75
CA ALA B 391 11.63 6.59 -19.70
C ALA B 391 10.94 6.41 -21.03
N ALA B 392 9.70 6.81 -21.08
CA ALA B 392 8.88 6.58 -22.23
C ALA B 392 8.41 7.92 -22.74
N GLN B 393 8.47 8.11 -24.05
CA GLN B 393 7.80 9.18 -24.73
C GLN B 393 6.39 8.74 -25.11
N MET B 394 6.21 7.47 -25.45
CA MET B 394 4.90 6.85 -25.60
C MET B 394 4.89 5.56 -24.75
N LEU B 395 3.71 5.23 -24.24
CA LEU B 395 3.41 3.89 -23.75
C LEU B 395 2.17 3.37 -24.45
N PRO B 396 2.17 2.12 -24.89
CA PRO B 396 3.25 1.16 -24.65
C PRO B 396 4.42 1.23 -25.61
N GLY B 397 4.31 2.07 -26.64
CA GLY B 397 5.28 2.15 -27.77
C GLY B 397 6.77 2.23 -27.48
N THR B 398 7.25 3.16 -26.64
CA THR B 398 8.69 3.23 -26.41
C THR B 398 9.21 1.92 -25.78
N ASP B 399 8.53 1.43 -24.75
CA ASP B 399 8.94 0.18 -24.11
C ASP B 399 8.81 -0.99 -25.09
N ALA B 400 7.69 -1.06 -25.81
CA ALA B 400 7.49 -2.11 -26.84
C ALA B 400 8.56 -2.12 -27.88
N ASP B 401 8.96 -0.92 -28.39
CA ASP B 401 9.96 -0.91 -29.47
C ASP B 401 11.28 -1.35 -28.92
N PHE B 402 11.66 -0.76 -27.79
CA PHE B 402 12.95 -1.05 -27.13
C PHE B 402 13.11 -2.55 -26.94
N VAL B 403 12.08 -3.23 -26.49
CA VAL B 403 12.07 -4.66 -26.29
C VAL B 403 12.19 -5.46 -27.61
N ASP B 404 11.39 -5.12 -28.58
CA ASP B 404 11.36 -5.77 -29.86
C ASP B 404 12.58 -5.52 -30.74
N TYR B 405 13.22 -4.38 -30.61
CA TYR B 405 14.35 -4.09 -31.48
C TYR B 405 15.75 -4.03 -30.87
N VAL B 406 15.89 -3.31 -29.78
CA VAL B 406 17.16 -3.02 -29.08
C VAL B 406 17.57 -4.22 -28.25
N VAL B 407 16.65 -4.73 -27.43
CA VAL B 407 16.98 -5.84 -26.52
C VAL B 407 17.66 -7.00 -27.22
N PRO B 408 17.08 -7.50 -28.35
CA PRO B 408 17.73 -8.66 -29.04
C PRO B 408 19.11 -8.28 -29.57
N GLU B 409 19.30 -7.03 -29.98
CA GLU B 409 20.62 -6.60 -30.47
C GLU B 409 21.59 -6.61 -29.33
N LEU B 410 21.17 -6.03 -28.21
CA LEU B 410 21.96 -5.97 -27.00
C LEU B 410 22.28 -7.34 -26.46
N GLN B 411 21.29 -8.23 -26.48
CA GLN B 411 21.56 -9.66 -26.19
C GLN B 411 22.63 -10.32 -27.09
N ARG B 412 22.61 -10.05 -28.39
CA ARG B 412 23.57 -10.62 -29.33
C ARG B 412 25.01 -10.25 -29.05
N ARG B 413 25.22 -9.01 -28.66
CA ARG B 413 26.56 -8.53 -28.26
C ARG B 413 26.91 -8.74 -26.78
N GLY B 414 26.04 -9.36 -26.01
CA GLY B 414 26.34 -9.72 -24.64
C GLY B 414 26.22 -8.57 -23.67
N MET B 415 25.33 -7.65 -23.97
CA MET B 415 25.14 -6.46 -23.15
C MET B 415 23.85 -6.44 -22.37
N VAL B 416 22.93 -7.31 -22.75
CA VAL B 416 21.74 -7.52 -21.97
C VAL B 416 21.62 -9.05 -21.73
N GLN B 417 21.09 -9.42 -20.58
CA GLN B 417 21.06 -10.85 -20.14
C GLN B 417 20.07 -11.60 -21.03
N HIS B 418 20.38 -12.89 -21.26
CA HIS B 418 19.57 -13.81 -22.11
C HIS B 418 18.40 -14.44 -21.30
N GLU B 419 18.60 -14.72 -20.00
CA GLU B 419 17.55 -15.29 -19.13
C GLU B 419 17.55 -14.61 -17.72
N TYR B 420 16.50 -14.79 -16.92
CA TYR B 420 16.52 -14.27 -15.55
C TYR B 420 17.34 -15.23 -14.75
N ARG B 421 18.30 -14.75 -13.97
CA ARG B 421 18.86 -15.53 -12.83
C ARG B 421 17.83 -15.71 -11.74
N PRO B 422 17.89 -16.87 -11.08
CA PRO B 422 17.01 -17.07 -9.91
C PRO B 422 17.44 -16.21 -8.71
N GLY B 423 16.43 -15.81 -7.92
CA GLY B 423 16.69 -15.25 -6.60
C GLY B 423 15.98 -13.95 -6.42
N THR B 424 16.31 -13.25 -5.33
CA THR B 424 15.73 -11.95 -5.03
C THR B 424 16.32 -10.93 -6.03
N LEU B 425 15.61 -9.82 -6.23
CA LEU B 425 16.13 -8.68 -7.00
C LEU B 425 17.59 -8.31 -6.70
N ARG B 426 17.97 -8.26 -5.42
CA ARG B 426 19.36 -7.92 -5.05
C ARG B 426 20.34 -8.95 -5.71
N GLU B 427 20.01 -10.24 -5.57
CA GLU B 427 20.75 -11.39 -6.21
C GLU B 427 20.73 -11.41 -7.73
N LYS B 428 19.72 -10.87 -8.36
CA LYS B 428 19.74 -10.65 -9.83
C LYS B 428 20.71 -9.52 -10.21
N VAL B 429 20.67 -8.42 -9.50
CA VAL B 429 21.51 -7.27 -9.82
C VAL B 429 22.98 -7.42 -9.46
N PHE B 430 23.24 -8.17 -8.40
CA PHE B 430 24.57 -8.43 -7.90
C PHE B 430 24.74 -9.91 -7.86
N PRO B 431 24.97 -10.54 -9.01
CA PRO B 431 25.06 -11.96 -9.24
C PRO B 431 25.66 -12.88 -8.23
N GLY B 432 26.86 -12.67 -7.80
CA GLY B 432 27.39 -13.64 -6.85
C GLY B 432 26.92 -13.54 -5.42
N ARG B 433 26.28 -12.44 -5.10
CA ARG B 433 25.88 -12.13 -3.75
C ARG B 433 24.66 -12.79 -3.09
N ASP B 434 24.59 -12.51 -1.81
CA ASP B 434 23.56 -12.91 -0.86
C ASP B 434 22.30 -12.02 -1.05
N ARG B 435 21.14 -12.56 -0.70
CA ARG B 435 19.90 -11.78 -0.58
C ARG B 435 19.97 -10.63 0.44
N LEU B 436 20.77 -10.82 1.47
CA LEU B 436 20.96 -9.78 2.41
C LEU B 436 22.11 -8.90 2.01
N LEU B 437 21.96 -7.65 2.43
CA LEU B 437 22.97 -6.60 2.24
C LEU B 437 24.32 -7.01 2.78
N ASN B 438 25.35 -6.83 1.96
CA ASN B 438 26.78 -7.05 2.30
C ASN B 438 27.21 -6.37 3.61
N GLU B 439 28.25 -6.91 4.24
CA GLU B 439 28.79 -6.33 5.49
C GLU B 439 29.28 -4.84 5.37
N ARG B 440 29.62 -4.38 4.16
CA ARG B 440 30.06 -3.01 4.02
C ARG B 440 28.88 -2.03 4.07
N HIS B 441 27.63 -2.51 4.02
CA HIS B 441 26.51 -1.57 3.91
C HIS B 441 26.08 -1.12 5.33
N PRO B 442 25.68 0.16 5.52
CA PRO B 442 25.17 0.66 6.84
C PRO B 442 24.13 -0.20 7.52
N ALA B 443 23.26 -0.80 6.77
CA ALA B 443 22.19 -1.64 7.29
C ALA B 443 22.74 -2.80 8.10
N SER B 444 23.82 -3.42 7.62
CA SER B 444 24.45 -4.55 8.35
C SER B 444 24.86 -4.20 9.73
N ARG B 445 25.19 -2.94 10.00
CA ARG B 445 25.64 -2.56 11.32
C ARG B 445 24.53 -2.88 12.32
N TYR B 446 23.25 -2.91 11.91
CA TYR B 446 22.17 -3.17 12.89
C TYR B 446 21.88 -4.68 13.17
N ARG B 447 22.52 -5.60 12.46
CA ARG B 447 22.45 -7.02 12.82
C ARG B 447 23.04 -7.31 14.22
N GLY B 448 22.26 -8.04 15.00
CA GLY B 448 22.64 -8.31 16.40
C GLY B 448 22.64 -7.20 17.46
N ILE B 449 22.55 -5.91 17.13
CA ILE B 449 22.78 -4.87 18.19
C ILE B 449 21.78 -4.85 19.38
N PHE B 450 20.67 -5.59 19.28
CA PHE B 450 19.66 -5.62 20.34
C PHE B 450 19.54 -6.98 21.06
N SER B 451 20.34 -7.98 20.65
CA SER B 451 20.52 -9.20 21.45
C SER B 451 21.44 -8.97 22.67
#